data_6PI0
#
_entry.id   6PI0
#
_cell.length_a   90.949
_cell.length_b   127.275
_cell.length_c   152.269
_cell.angle_alpha   90.000
_cell.angle_beta   90.000
_cell.angle_gamma   90.000
#
_symmetry.space_group_name_H-M   'I 2 2 2'
#
loop_
_entity.id
_entity.type
_entity.pdbx_description
1 polymer Alpha-galactosidase
2 branched alpha-D-galactopyranose-(1-3)-beta-D-galactopyranose
3 non-polymer 'L(+)-TARTARIC ACID'
4 non-polymer 1,2-ETHANEDIOL
5 non-polymer 'ACETATE ION'
6 water water
#
_entity_poly.entity_id   1
_entity_poly.type   'polypeptide(L)'
_entity_poly.pdbx_seq_one_letter_code
;MGSSHHHHHHSSGLVPRGSHMGVRIENNLFYVESKNLSLIIENRNGYLLLKHLGKTIKNYKGSNSVYERDHAFSGNPTAT
NRTFSLDTQRQIFGQHGLGDFRKPTIQVQHSVTEVTDFRFVEAKILKGQNGPQGLPSPHSMDDTETLVLMLEDSKAQLSL
TLYYTTFNNDATIASYSKLDNNSNQEVVIHKDFSFMADFPAADYEIVTLQGAYAREKTVRRQQVEQGIFSISSNRGASGH
AQTPALLLCEQGVTEDAGNVFAIQLMYSGNFEAFVQKNQLNEVRVAIGINPENFSWKLAPEEYFETPVALVTHSDQGLTG
ISHESQNFVLKHIMLSEFSKKERPILINNWEATYFDFQREKLLELADEAKKVGIELFVLDDGWFGNRFDDNRALGDWVVN
EEKLGGSLESLISAIHERGLQFGLWLEPEMISVDSDLYRQHPDWAIQVPGYEHTYSRNQLVLNLANPQVVEYLKSVLDQL
LFYHDIDYIKWNMNRNITKLGNGLTYLETQMQSHQYMLGLYELVSYLTEKHSHILFESCSGGGGRNDLGMMRYFPQVWAS
DNTDAIARLPIQYGSSYLYPTISMGAHVSAVPNHQMGRMTPLETRGLVAMMGNLGYELDLTNLSDEEKATIANQVNLYKE
LRPVVQLGQQYRLINPDTVSNEAAVQFNYGNQTIVTYVRVLSVVETMETTLKLKDLDEEGLYKLQENGEVYSGAELMYAG
LTVILSQGDFLSRQYIFRKL
;
_entity_poly.pdbx_strand_id   A
#
# COMPACT_ATOMS: atom_id res chain seq x y z
N HIS A 20 13.24 16.81 21.59
CA HIS A 20 12.02 16.46 22.36
C HIS A 20 10.80 16.38 21.44
N MET A 21 9.98 15.35 21.67
CA MET A 21 8.94 14.99 20.72
C MET A 21 7.61 14.78 21.43
N GLY A 22 6.52 14.82 20.66
CA GLY A 22 5.17 14.86 21.20
C GLY A 22 4.45 16.14 20.78
N VAL A 23 3.41 16.50 21.55
CA VAL A 23 2.56 17.61 21.18
C VAL A 23 2.71 18.71 22.23
N ARG A 24 2.80 19.95 21.74
CA ARG A 24 2.90 21.10 22.64
C ARG A 24 1.92 22.17 22.18
N ILE A 25 1.30 22.87 23.15
CA ILE A 25 0.40 23.98 22.89
C ILE A 25 0.98 25.22 23.57
N GLU A 26 1.39 26.22 22.78
CA GLU A 26 2.11 27.35 23.33
C GLU A 26 1.51 28.64 22.79
N ASN A 27 0.74 29.35 23.64
CA ASN A 27 -0.03 30.51 23.22
C ASN A 27 -0.94 30.06 22.08
N ASN A 28 -0.82 30.67 20.90
CA ASN A 28 -1.76 30.31 19.81
C ASN A 28 -1.12 29.38 18.79
N LEU A 29 0.02 28.78 19.14
CA LEU A 29 0.68 27.82 18.27
C LEU A 29 0.44 26.40 18.80
N PHE A 30 0.27 25.45 17.87
CA PHE A 30 0.28 24.04 18.22
C PHE A 30 1.46 23.39 17.52
N TYR A 31 2.29 22.67 18.31
CA TYR A 31 3.44 21.95 17.78
C TYR A 31 3.13 20.45 17.78
N VAL A 32 3.13 19.85 16.59
CA VAL A 32 3.03 18.39 16.46
C VAL A 32 4.41 17.90 16.06
N GLU A 33 5.12 17.21 16.98
CA GLU A 33 6.55 16.98 16.83
C GLU A 33 6.89 15.49 16.83
N SER A 34 7.04 14.92 15.62
CA SER A 34 7.65 13.62 15.42
C SER A 34 9.16 13.76 15.30
N LYS A 35 9.84 12.61 15.20
CA LYS A 35 11.27 12.60 14.98
C LYS A 35 11.58 13.32 13.68
N ASN A 36 12.27 14.46 13.75
CA ASN A 36 12.76 15.18 12.58
C ASN A 36 11.63 15.72 11.71
N LEU A 37 10.41 15.77 12.24
CA LEU A 37 9.29 16.29 11.46
C LEU A 37 8.30 17.00 12.39
N SER A 38 8.01 18.27 12.06
CA SER A 38 7.09 19.08 12.85
C SER A 38 6.01 19.62 11.93
N LEU A 39 4.79 19.70 12.48
CA LEU A 39 3.67 20.46 11.93
C LEU A 39 3.34 21.51 12.99
N ILE A 40 3.36 22.78 12.57
CA ILE A 40 3.17 23.91 13.44
C ILE A 40 1.98 24.66 12.89
N ILE A 41 0.94 24.78 13.72
CA ILE A 41 -0.38 25.29 13.33
C ILE A 41 -0.65 26.48 14.24
N GLU A 42 -1.29 27.51 13.67
CA GLU A 42 -1.61 28.68 14.47
C GLU A 42 -3.13 28.84 14.46
N ASN A 43 -3.68 29.09 15.66
CA ASN A 43 -5.07 29.46 15.81
C ASN A 43 -5.16 30.98 15.71
N ARG A 44 -5.81 31.44 14.63
CA ARG A 44 -6.00 32.85 14.41
C ARG A 44 -7.50 33.14 14.41
N ASN A 45 -8.02 33.55 15.59
CA ASN A 45 -9.42 33.88 15.76
C ASN A 45 -10.35 32.76 15.30
N GLY A 46 -9.98 31.51 15.57
CA GLY A 46 -10.84 30.38 15.19
C GLY A 46 -10.43 29.73 13.87
N TYR A 47 -9.64 30.41 13.04
CA TYR A 47 -9.14 29.80 11.81
C TYR A 47 -7.77 29.16 12.07
N LEU A 48 -7.53 27.99 11.49
CA LEU A 48 -6.28 27.26 11.69
C LEU A 48 -5.38 27.46 10.47
N LEU A 49 -4.17 27.98 10.70
CA LEU A 49 -3.23 28.31 9.65
C LEU A 49 -2.05 27.33 9.73
N LEU A 50 -1.62 26.81 8.58
CA LEU A 50 -0.43 25.99 8.50
C LEU A 50 0.78 26.93 8.47
N LYS A 51 1.55 26.95 9.56
CA LYS A 51 2.73 27.79 9.65
C LYS A 51 3.97 27.05 9.12
N HIS A 52 4.13 25.77 9.47
CA HIS A 52 5.31 25.04 9.02
C HIS A 52 5.00 23.56 9.04
N LEU A 53 5.38 22.89 7.95
CA LEU A 53 5.46 21.44 7.87
C LEU A 53 6.84 21.10 7.30
N GLY A 54 7.66 20.40 8.09
CA GLY A 54 9.00 20.05 7.66
C GLY A 54 9.87 19.74 8.86
N LYS A 55 11.17 20.02 8.71
CA LYS A 55 12.17 19.74 9.73
C LYS A 55 11.87 20.50 11.03
N THR A 56 12.28 19.91 12.16
CA THR A 56 12.01 20.40 13.50
C THR A 56 12.41 21.87 13.63
N ILE A 57 11.46 22.70 14.08
CA ILE A 57 11.73 24.06 14.54
C ILE A 57 11.11 24.25 15.91
N LYS A 58 11.93 24.65 16.88
CA LYS A 58 11.43 25.05 18.18
C LYS A 58 11.37 26.58 18.21
N ASN A 59 10.52 27.14 19.06
CA ASN A 59 10.51 28.58 19.29
C ASN A 59 10.27 29.29 17.97
N TYR A 60 9.24 28.82 17.25
CA TYR A 60 8.95 29.30 15.90
C TYR A 60 8.44 30.74 15.97
N LYS A 61 8.94 31.62 15.11
CA LYS A 61 8.55 33.03 15.19
C LYS A 61 7.61 33.41 14.04
N GLY A 62 7.80 32.81 12.85
CA GLY A 62 6.95 33.14 11.70
C GLY A 62 7.71 33.78 10.55
N SER A 63 8.98 33.40 10.34
CA SER A 63 9.77 34.01 9.27
C SER A 63 9.09 33.82 7.91
N ASN A 64 8.36 32.71 7.76
CA ASN A 64 7.75 32.33 6.49
C ASN A 64 6.23 32.54 6.49
N SER A 65 5.76 33.47 7.32
CA SER A 65 4.33 33.77 7.37
C SER A 65 3.89 34.34 6.04
N VAL A 66 2.62 34.08 5.72
CA VAL A 66 1.97 34.66 4.57
C VAL A 66 1.90 36.16 4.80
N TYR A 67 2.31 36.90 3.79
CA TYR A 67 2.11 38.34 3.80
C TYR A 67 0.67 38.67 3.39
N GLU A 68 -0.04 39.31 4.32
CA GLU A 68 -1.47 39.61 4.15
C GLU A 68 -1.64 40.88 3.33
N ARG A 69 -2.22 40.71 2.15
CA ARG A 69 -2.53 41.87 1.32
C ARG A 69 -3.84 41.62 0.59
N ASP A 70 -4.33 42.68 -0.04
CA ASP A 70 -5.55 42.63 -0.81
C ASP A 70 -5.23 41.92 -2.11
N HIS A 71 -5.80 40.73 -2.31
CA HIS A 71 -5.65 39.99 -3.55
C HIS A 71 -6.97 40.05 -4.29
N ALA A 72 -6.93 40.44 -5.58
CA ALA A 72 -8.19 40.69 -6.29
C ALA A 72 -9.06 39.42 -6.30
N PHE A 73 -10.35 39.58 -5.94
CA PHE A 73 -11.36 38.53 -6.03
C PHE A 73 -11.18 37.46 -4.96
N SER A 74 -10.26 37.71 -4.02
CA SER A 74 -10.10 36.88 -2.83
C SER A 74 -10.79 37.54 -1.65
N GLY A 75 -11.98 37.03 -1.31
CA GLY A 75 -12.87 37.72 -0.39
C GLY A 75 -12.60 37.38 1.08
N ASN A 76 -13.43 37.96 1.95
CA ASN A 76 -13.08 38.18 3.34
C ASN A 76 -14.23 37.86 4.27
N PRO A 77 -13.94 37.36 5.51
CA PRO A 77 -14.97 37.12 6.53
C PRO A 77 -15.63 38.36 7.11
N THR A 78 -14.95 39.51 7.02
CA THR A 78 -15.50 40.78 7.49
C THR A 78 -15.49 41.78 6.34
N ALA A 79 -16.34 42.80 6.45
CA ALA A 79 -16.51 43.82 5.42
C ALA A 79 -15.24 44.63 5.23
N THR A 80 -14.56 44.98 6.35
CA THR A 80 -13.62 46.08 6.37
C THR A 80 -12.15 45.63 6.28
N ASN A 81 -11.89 44.32 6.38
CA ASN A 81 -10.52 43.85 6.30
C ASN A 81 -10.34 43.05 5.01
N ARG A 82 -9.79 43.70 4.00
CA ARG A 82 -9.66 43.10 2.67
C ARG A 82 -8.39 42.24 2.56
N THR A 83 -7.50 42.28 3.56
CA THR A 83 -6.20 41.62 3.48
C THR A 83 -6.22 40.20 4.07
N PHE A 84 -7.21 39.88 4.92
CA PHE A 84 -7.37 38.52 5.43
C PHE A 84 -8.35 37.75 4.54
N SER A 85 -7.87 36.65 3.94
CA SER A 85 -8.72 35.88 3.03
C SER A 85 -8.37 34.40 3.11
N LEU A 86 -9.40 33.54 3.19
CA LEU A 86 -9.15 32.10 3.24
C LEU A 86 -8.75 31.59 1.85
N ASP A 87 -8.85 32.45 0.83
CA ASP A 87 -8.34 32.19 -0.51
C ASP A 87 -6.81 32.26 -0.54
N THR A 88 -6.19 32.90 0.46
CA THR A 88 -4.76 33.21 0.39
C THR A 88 -3.96 32.72 1.61
N GLN A 89 -4.65 32.27 2.67
CA GLN A 89 -4.03 31.69 3.86
C GLN A 89 -3.73 30.21 3.64
N ARG A 90 -2.60 29.73 4.17
CA ARG A 90 -2.20 28.33 4.13
C ARG A 90 -2.89 27.62 5.30
N GLN A 91 -3.56 26.50 5.00
CA GLN A 91 -4.51 25.87 5.92
C GLN A 91 -4.24 24.36 6.00
N ILE A 92 -4.96 23.68 6.89
CA ILE A 92 -4.78 22.25 7.10
C ILE A 92 -6.09 21.51 6.79
N PHE A 93 -7.17 22.25 6.56
CA PHE A 93 -8.39 21.70 5.98
C PHE A 93 -9.04 22.79 5.14
N GLY A 94 -9.84 22.38 4.14
CA GLY A 94 -10.37 23.30 3.13
C GLY A 94 -11.90 23.25 3.10
N GLN A 95 -12.50 24.46 3.10
CA GLN A 95 -13.94 24.60 2.96
C GLN A 95 -14.26 25.41 1.71
N HIS A 96 -15.45 25.18 1.17
CA HIS A 96 -15.94 25.95 0.04
C HIS A 96 -17.06 26.87 0.50
N GLY A 97 -17.03 28.13 0.06
CA GLY A 97 -18.14 29.04 0.29
C GLY A 97 -17.81 30.20 1.23
N LEU A 98 -16.59 30.21 1.81
CA LEU A 98 -16.18 31.25 2.77
C LEU A 98 -15.13 32.18 2.15
N GLY A 99 -14.87 32.02 0.85
CA GLY A 99 -13.86 32.83 0.17
C GLY A 99 -12.68 32.01 -0.36
N ASP A 100 -12.42 30.81 0.20
CA ASP A 100 -11.40 29.94 -0.35
C ASP A 100 -11.97 29.20 -1.55
N PHE A 101 -11.30 29.32 -2.71
CA PHE A 101 -11.76 28.68 -3.94
C PHE A 101 -10.93 27.44 -4.32
N ARG A 102 -9.86 27.16 -3.58
CA ARG A 102 -9.14 25.91 -3.75
C ARG A 102 -10.04 24.72 -3.41
N LYS A 103 -9.67 23.53 -3.90
CA LYS A 103 -10.51 22.35 -3.74
C LYS A 103 -10.73 22.09 -2.25
N PRO A 104 -11.99 21.89 -1.79
CA PRO A 104 -12.26 21.66 -0.37
C PRO A 104 -12.03 20.21 0.06
N THR A 105 -11.76 20.02 1.36
CA THR A 105 -11.54 18.69 1.88
C THR A 105 -12.64 18.29 2.88
N ILE A 106 -13.50 19.23 3.30
CA ILE A 106 -14.67 18.95 4.10
C ILE A 106 -15.86 19.71 3.51
N GLN A 107 -16.94 18.98 3.25
CA GLN A 107 -18.14 19.59 2.68
C GLN A 107 -19.34 18.77 3.14
N VAL A 108 -20.23 19.45 3.89
CA VAL A 108 -21.34 18.81 4.59
C VAL A 108 -22.63 19.54 4.24
N GLN A 109 -23.61 18.78 3.73
CA GLN A 109 -24.96 19.29 3.46
C GLN A 109 -25.77 19.25 4.75
N HIS A 110 -26.46 20.35 5.05
CA HIS A 110 -27.34 20.49 6.20
C HIS A 110 -28.40 21.54 5.86
N SER A 111 -29.68 21.20 6.06
CA SER A 111 -30.72 22.15 5.73
C SER A 111 -30.57 22.50 4.23
N VAL A 112 -30.56 23.79 3.90
CA VAL A 112 -30.65 24.23 2.50
C VAL A 112 -29.27 24.51 1.88
N THR A 113 -28.19 24.03 2.52
CA THR A 113 -26.85 24.47 2.15
C THR A 113 -25.83 23.34 2.33
N GLU A 114 -24.67 23.46 1.68
CA GLU A 114 -23.50 22.67 2.03
C GLU A 114 -22.33 23.59 2.40
N VAL A 115 -22.66 24.83 2.82
CA VAL A 115 -21.70 25.72 3.46
C VAL A 115 -21.64 25.39 4.94
N THR A 116 -20.43 25.06 5.42
CA THR A 116 -20.15 25.07 6.85
C THR A 116 -19.10 26.13 7.12
N ASP A 117 -18.98 26.48 8.41
CA ASP A 117 -17.91 27.37 8.82
C ASP A 117 -17.39 26.90 10.17
N PHE A 118 -16.56 25.85 10.15
CA PHE A 118 -16.00 25.29 11.37
C PHE A 118 -14.92 26.20 11.93
N ARG A 119 -15.04 26.52 13.22
CA ARG A 119 -14.13 27.39 13.92
C ARG A 119 -13.55 26.61 15.08
N PHE A 120 -12.24 26.81 15.28
CA PHE A 120 -11.54 26.14 16.35
C PHE A 120 -12.09 26.63 17.68
N VAL A 121 -12.31 25.70 18.60
CA VAL A 121 -12.91 26.00 19.88
C VAL A 121 -11.97 25.59 21.01
N GLU A 122 -11.32 24.41 20.90
CA GLU A 122 -10.57 23.87 22.02
C GLU A 122 -9.57 22.83 21.52
N ALA A 123 -8.41 22.73 22.18
CA ALA A 123 -7.43 21.70 21.92
C ALA A 123 -7.21 20.80 23.14
N LYS A 124 -7.03 19.49 22.89
CA LYS A 124 -6.62 18.48 23.87
C LYS A 124 -5.40 17.73 23.35
N ILE A 125 -4.67 17.08 24.25
CA ILE A 125 -3.60 16.18 23.85
C ILE A 125 -3.86 14.78 24.42
N LEU A 126 -3.82 13.74 23.57
CA LEU A 126 -3.87 12.35 24.03
C LEU A 126 -2.46 11.75 24.04
N LYS A 127 -2.29 10.68 24.84
CA LYS A 127 -1.08 9.87 24.79
C LYS A 127 -1.46 8.45 24.41
N GLY A 128 -0.63 7.79 23.59
CA GLY A 128 -0.80 6.37 23.31
C GLY A 128 -1.92 6.06 22.31
N GLN A 129 -2.39 4.82 22.35
CA GLN A 129 -3.19 4.19 21.31
C GLN A 129 -4.40 5.06 20.95
N ASN A 130 -4.62 5.26 19.65
CA ASN A 130 -5.67 6.17 19.23
C ASN A 130 -5.91 5.93 17.74
N GLY A 131 -7.17 5.97 17.29
CA GLY A 131 -7.44 5.85 15.86
C GLY A 131 -8.92 5.72 15.54
N PRO A 132 -9.34 5.81 14.26
CA PRO A 132 -10.76 5.71 13.92
C PRO A 132 -11.20 4.25 14.13
N GLN A 133 -12.44 4.06 14.58
CA GLN A 133 -13.03 2.74 14.79
C GLN A 133 -13.37 2.15 13.43
N GLY A 134 -13.04 0.87 13.25
CA GLY A 134 -13.44 0.07 12.10
C GLY A 134 -12.56 0.28 10.86
N LEU A 135 -11.48 1.04 10.99
CA LEU A 135 -10.58 1.34 9.89
C LEU A 135 -9.14 1.03 10.29
N PRO A 136 -8.29 0.54 9.37
CA PRO A 136 -6.90 0.22 9.69
C PRO A 136 -6.12 1.46 10.15
N SER A 137 -5.40 1.32 11.29
CA SER A 137 -4.71 2.46 11.85
C SER A 137 -3.41 2.01 12.51
N PRO A 138 -2.42 2.91 12.73
CA PRO A 138 -1.13 2.47 13.28
C PRO A 138 -1.23 1.66 14.59
N HIS A 139 -0.23 0.80 14.83
CA HIS A 139 -0.12 0.08 16.09
C HIS A 139 1.21 0.49 16.73
N SER A 140 1.51 -0.11 17.91
CA SER A 140 2.71 0.19 18.67
C SER A 140 2.79 1.70 18.92
N MET A 141 1.79 2.22 19.64
CA MET A 141 1.63 3.65 19.80
C MET A 141 1.94 4.15 21.22
N ASP A 142 2.63 3.34 22.04
CA ASP A 142 2.95 3.72 23.41
C ASP A 142 3.67 5.05 23.47
N ASP A 143 4.52 5.33 22.47
CA ASP A 143 5.34 6.54 22.54
C ASP A 143 4.83 7.59 21.57
N THR A 144 3.51 7.70 21.50
CA THR A 144 2.94 8.73 20.66
C THR A 144 2.08 9.67 21.50
N GLU A 145 1.85 10.86 20.94
CA GLU A 145 0.89 11.81 21.44
C GLU A 145 0.04 12.26 20.26
N THR A 146 -1.20 12.65 20.57
CA THR A 146 -2.12 13.09 19.53
C THR A 146 -2.67 14.46 19.90
N LEU A 147 -2.57 15.42 18.96
CA LEU A 147 -3.23 16.71 19.09
C LEU A 147 -4.67 16.55 18.63
N VAL A 148 -5.62 17.02 19.47
CA VAL A 148 -7.04 16.95 19.20
C VAL A 148 -7.52 18.39 19.02
N LEU A 149 -7.85 18.78 17.78
CA LEU A 149 -8.35 20.13 17.50
C LEU A 149 -9.85 20.07 17.29
N MET A 150 -10.58 20.61 18.28
CA MET A 150 -12.03 20.57 18.24
C MET A 150 -12.56 21.86 17.60
N LEU A 151 -13.25 21.69 16.45
CA LEU A 151 -13.89 22.77 15.71
C LEU A 151 -15.40 22.62 15.77
N GLU A 152 -16.12 23.73 15.67
CA GLU A 152 -17.58 23.68 15.69
C GLU A 152 -18.13 24.68 14.70
N ASP A 153 -19.27 24.33 14.11
CA ASP A 153 -20.09 25.26 13.37
C ASP A 153 -21.36 25.48 14.18
N SER A 154 -21.45 26.61 14.85
CA SER A 154 -22.53 26.77 15.82
C SER A 154 -23.89 26.80 15.11
N LYS A 155 -23.99 27.47 13.96
CA LYS A 155 -25.24 27.50 13.23
C LYS A 155 -25.68 26.10 12.80
N ALA A 156 -24.77 25.33 12.20
CA ALA A 156 -25.12 24.00 11.72
C ALA A 156 -25.21 23.01 12.87
N GLN A 157 -24.63 23.32 14.03
CA GLN A 157 -24.58 22.41 15.17
C GLN A 157 -23.86 21.13 14.77
N LEU A 158 -22.68 21.32 14.15
CA LEU A 158 -21.80 20.24 13.76
C LEU A 158 -20.45 20.45 14.44
N SER A 159 -19.81 19.32 14.79
CA SER A 159 -18.46 19.30 15.30
C SER A 159 -17.56 18.58 14.29
N LEU A 160 -16.39 19.17 14.01
CA LEU A 160 -15.32 18.49 13.28
C LEU A 160 -14.07 18.52 14.17
N THR A 161 -13.52 17.33 14.42
CA THR A 161 -12.37 17.18 15.28
C THR A 161 -11.22 16.59 14.49
N LEU A 162 -10.09 17.31 14.50
CA LEU A 162 -8.91 16.91 13.76
C LEU A 162 -7.91 16.29 14.74
N TYR A 163 -7.30 15.20 14.31
CA TYR A 163 -6.31 14.48 15.08
C TYR A 163 -5.00 14.43 14.30
N TYR A 164 -3.90 14.83 14.97
CA TYR A 164 -2.56 14.68 14.43
C TYR A 164 -1.70 13.97 15.47
N THR A 165 -1.09 12.83 15.07
CA THR A 165 -0.34 11.96 15.97
C THR A 165 1.15 11.97 15.61
N THR A 166 1.98 12.05 16.65
CA THR A 166 3.43 12.04 16.54
C THR A 166 3.95 10.62 16.72
N PHE A 167 5.15 10.35 16.19
CA PHE A 167 5.84 9.09 16.40
C PHE A 167 7.28 9.44 16.79
N ASN A 168 7.80 8.76 17.82
CA ASN A 168 9.07 9.17 18.38
C ASN A 168 10.23 8.58 17.59
N ASN A 169 9.94 7.62 16.69
CA ASN A 169 11.00 6.82 16.08
C ASN A 169 10.92 6.89 14.54
N ASP A 170 10.14 7.82 13.99
CA ASP A 170 10.00 7.93 12.54
C ASP A 170 9.58 9.36 12.20
N ALA A 171 10.02 9.86 11.03
CA ALA A 171 9.58 11.17 10.52
C ALA A 171 8.23 11.05 9.81
N THR A 172 7.21 10.62 10.56
CA THR A 172 5.84 10.55 10.09
C THR A 172 4.92 11.16 11.14
N ILE A 173 3.86 11.82 10.64
CA ILE A 173 2.70 12.25 11.40
C ILE A 173 1.46 11.59 10.80
N ALA A 174 0.57 11.05 11.65
CA ALA A 174 -0.66 10.44 11.18
C ALA A 174 -1.84 11.40 11.41
N SER A 175 -2.86 11.32 10.54
CA SER A 175 -4.00 12.19 10.72
C SER A 175 -5.30 11.49 10.32
N TYR A 176 -6.40 12.00 10.88
CA TYR A 176 -7.77 11.63 10.55
C TYR A 176 -8.68 12.62 11.25
N SER A 177 -9.98 12.51 11.01
CA SER A 177 -10.92 13.48 11.55
C SER A 177 -12.21 12.76 11.95
N LYS A 178 -12.96 13.40 12.86
CA LYS A 178 -14.27 12.89 13.23
C LYS A 178 -15.29 14.01 13.07
N LEU A 179 -16.38 13.73 12.35
CA LEU A 179 -17.46 14.70 12.25
C LEU A 179 -18.67 14.24 13.05
N ASP A 180 -19.16 15.12 13.94
CA ASP A 180 -20.30 14.80 14.79
C ASP A 180 -21.51 15.63 14.34
N ASN A 181 -22.67 14.99 14.20
CA ASN A 181 -23.93 15.68 13.97
C ASN A 181 -24.60 15.98 15.30
N ASN A 182 -24.53 17.24 15.76
CA ASN A 182 -25.13 17.55 17.06
C ASN A 182 -26.45 18.29 16.84
N SER A 183 -26.96 18.29 15.59
CA SER A 183 -28.19 18.99 15.25
C SER A 183 -29.38 18.05 15.42
N ASN A 184 -30.59 18.58 15.18
N ASN A 184 -30.58 18.56 15.15
CA ASN A 184 -31.80 17.79 15.26
CA ASN A 184 -31.80 17.76 15.27
C ASN A 184 -32.30 17.41 13.87
C ASN A 184 -32.20 17.18 13.92
N GLN A 185 -31.38 17.43 12.89
CA GLN A 185 -31.72 17.00 11.53
C GLN A 185 -30.61 16.13 10.93
N GLU A 186 -30.99 15.30 9.95
CA GLU A 186 -30.06 14.52 9.18
C GLU A 186 -29.14 15.45 8.37
N VAL A 187 -27.84 15.14 8.36
CA VAL A 187 -26.92 15.87 7.50
C VAL A 187 -26.22 14.85 6.60
N VAL A 188 -25.58 15.34 5.53
CA VAL A 188 -24.97 14.44 4.56
C VAL A 188 -23.56 14.94 4.28
N ILE A 189 -22.56 14.09 4.54
CA ILE A 189 -21.18 14.39 4.16
C ILE A 189 -20.97 14.09 2.68
N HIS A 190 -20.41 15.06 1.96
CA HIS A 190 -20.15 14.93 0.53
C HIS A 190 -18.65 14.78 0.26
N LYS A 191 -17.81 15.47 1.06
CA LYS A 191 -16.36 15.36 0.96
C LYS A 191 -15.78 15.34 2.36
N ASP A 192 -14.79 14.46 2.58
CA ASP A 192 -14.14 14.35 3.88
C ASP A 192 -12.80 13.66 3.68
N PHE A 193 -11.77 14.45 3.34
CA PHE A 193 -10.45 13.92 3.09
C PHE A 193 -9.74 13.68 4.43
N SER A 194 -8.62 12.96 4.40
CA SER A 194 -7.96 12.58 5.64
C SER A 194 -6.75 13.47 5.99
N PHE A 195 -6.21 14.18 5.00
CA PHE A 195 -5.08 15.08 5.23
C PHE A 195 -5.04 16.11 4.10
N MET A 196 -4.65 17.34 4.46
CA MET A 196 -4.44 18.42 3.51
C MET A 196 -3.30 19.30 4.00
N ALA A 197 -2.48 19.80 3.06
CA ALA A 197 -1.51 20.83 3.40
C ALA A 197 -1.36 21.84 2.27
N ASP A 198 -1.38 23.14 2.64
CA ASP A 198 -1.00 24.22 1.76
C ASP A 198 0.50 24.50 1.89
N PHE A 199 1.23 24.29 0.79
CA PHE A 199 2.67 24.51 0.72
C PHE A 199 2.95 25.82 -0.02
N PRO A 200 4.01 26.56 0.37
CA PRO A 200 4.31 27.84 -0.24
C PRO A 200 4.68 27.70 -1.72
N ALA A 201 4.31 28.73 -2.50
CA ALA A 201 4.72 28.84 -3.89
C ALA A 201 6.24 28.60 -4.00
N ALA A 202 6.60 27.68 -4.89
CA ALA A 202 7.96 27.25 -5.20
C ALA A 202 7.84 26.27 -6.36
N ASP A 203 8.96 25.90 -6.96
CA ASP A 203 8.95 24.86 -7.98
C ASP A 203 8.89 23.50 -7.28
N TYR A 204 7.97 22.63 -7.73
CA TYR A 204 7.89 21.29 -7.16
C TYR A 204 7.72 20.25 -8.27
N GLU A 205 8.19 19.05 -7.96
CA GLU A 205 7.82 17.89 -8.76
C GLU A 205 6.98 16.96 -7.90
N ILE A 206 6.25 16.05 -8.55
CA ILE A 206 5.49 15.06 -7.80
C ILE A 206 5.91 13.69 -8.31
N VAL A 207 5.97 12.73 -7.37
CA VAL A 207 6.18 11.33 -7.75
C VAL A 207 4.94 10.57 -7.31
N THR A 208 4.40 9.73 -8.21
CA THR A 208 3.30 8.84 -7.87
C THR A 208 3.59 7.43 -8.40
N LEU A 209 2.81 6.47 -7.93
CA LEU A 209 2.90 5.10 -8.43
C LEU A 209 1.57 4.79 -9.10
N GLN A 210 1.65 4.53 -10.40
CA GLN A 210 0.46 4.27 -11.20
C GLN A 210 0.65 2.94 -11.93
N GLY A 211 0.61 2.97 -13.26
CA GLY A 211 0.79 1.73 -14.01
C GLY A 211 -0.54 1.10 -14.44
N ALA A 212 -0.57 -0.25 -14.41
CA ALA A 212 -1.68 -1.07 -14.88
C ALA A 212 -1.57 -2.48 -14.32
N TYR A 213 -2.65 -3.28 -14.50
CA TYR A 213 -2.51 -4.71 -14.34
C TYR A 213 -1.30 -5.18 -15.14
N ALA A 214 -0.49 -6.07 -14.53
CA ALA A 214 0.72 -6.65 -15.12
C ALA A 214 1.81 -5.60 -15.33
N ARG A 215 1.56 -4.37 -14.85
CA ARG A 215 2.52 -3.27 -14.82
C ARG A 215 2.31 -2.40 -13.58
N GLU A 216 2.20 -3.02 -12.39
CA GLU A 216 1.75 -2.31 -11.20
C GLU A 216 2.82 -1.33 -10.75
N LYS A 217 2.34 -0.24 -10.13
CA LYS A 217 3.13 0.71 -9.33
C LYS A 217 4.21 1.34 -10.21
N THR A 218 3.87 1.67 -11.46
CA THR A 218 4.83 2.36 -12.31
C THR A 218 5.14 3.73 -11.72
N VAL A 219 6.44 3.97 -11.49
CA VAL A 219 6.91 5.21 -10.90
C VAL A 219 6.76 6.34 -11.92
N ARG A 220 5.95 7.36 -11.60
CA ARG A 220 5.77 8.51 -12.47
C ARG A 220 6.31 9.74 -11.76
N ARG A 221 7.06 10.57 -12.49
CA ARG A 221 7.53 11.84 -11.95
C ARG A 221 7.17 12.93 -12.94
N GLN A 222 6.71 14.08 -12.46
CA GLN A 222 6.40 15.19 -13.35
C GLN A 222 6.45 16.50 -12.58
N GLN A 223 6.52 17.60 -13.32
CA GLN A 223 6.52 18.95 -12.81
C GLN A 223 5.11 19.29 -12.31
N VAL A 224 5.01 19.98 -11.18
CA VAL A 224 3.75 20.58 -10.76
C VAL A 224 3.45 21.78 -11.66
N GLU A 225 2.23 21.82 -12.24
CA GLU A 225 1.81 22.86 -13.16
C GLU A 225 0.56 23.57 -12.63
N GLN A 226 0.35 24.82 -13.05
CA GLN A 226 -0.91 25.45 -12.74
C GLN A 226 -2.10 24.56 -13.16
N GLY A 227 -3.08 24.47 -12.26
CA GLY A 227 -4.27 23.66 -12.44
C GLY A 227 -4.28 22.53 -11.42
N ILE A 228 -5.00 21.44 -11.72
CA ILE A 228 -5.19 20.37 -10.76
C ILE A 228 -4.68 19.09 -11.39
N PHE A 229 -3.81 18.37 -10.66
CA PHE A 229 -3.47 17.01 -11.04
C PHE A 229 -4.03 16.04 -10.00
N SER A 230 -4.60 14.91 -10.43
CA SER A 230 -5.05 13.94 -9.43
C SER A 230 -4.90 12.51 -9.93
N ILE A 231 -4.71 11.59 -8.98
CA ILE A 231 -4.90 10.17 -9.18
C ILE A 231 -6.05 9.74 -8.29
N SER A 232 -6.85 8.79 -8.78
CA SER A 232 -7.98 8.34 -7.98
C SER A 232 -8.40 6.96 -8.45
N SER A 233 -9.14 6.29 -7.58
CA SER A 233 -9.84 5.07 -7.93
C SER A 233 -11.33 5.30 -7.67
N ASN A 234 -12.16 4.89 -8.63
CA ASN A 234 -13.59 4.79 -8.46
C ASN A 234 -14.01 3.34 -8.64
N ARG A 235 -13.10 2.40 -8.36
CA ARG A 235 -13.29 0.99 -8.68
C ARG A 235 -13.73 0.18 -7.47
N GLY A 236 -13.78 0.82 -6.29
CA GLY A 236 -14.19 0.18 -5.06
C GLY A 236 -13.03 -0.51 -4.35
N ALA A 237 -11.88 -0.58 -5.05
CA ALA A 237 -10.59 -1.02 -4.56
C ALA A 237 -9.57 0.02 -5.01
N SER A 238 -8.47 0.18 -4.27
CA SER A 238 -7.49 1.19 -4.65
C SER A 238 -7.00 0.99 -6.08
N GLY A 239 -6.82 -0.28 -6.52
CA GLY A 239 -6.65 -0.52 -7.95
C GLY A 239 -5.20 -0.74 -8.39
N HIS A 240 -5.03 -1.41 -9.54
CA HIS A 240 -3.74 -1.69 -10.15
C HIS A 240 -3.03 -0.41 -10.62
N ALA A 241 -3.81 0.61 -11.02
CA ALA A 241 -3.33 1.70 -11.85
C ALA A 241 -3.03 2.97 -11.05
N GLN A 242 -3.29 2.93 -9.74
CA GLN A 242 -2.93 4.01 -8.84
C GLN A 242 -2.86 3.51 -7.41
N THR A 243 -1.86 4.02 -6.69
CA THR A 243 -1.58 3.72 -5.30
C THR A 243 -1.95 4.96 -4.50
N PRO A 244 -2.49 4.82 -3.25
CA PRO A 244 -2.83 5.98 -2.43
C PRO A 244 -1.55 6.58 -1.84
N ALA A 245 -0.81 7.32 -2.68
CA ALA A 245 0.44 7.94 -2.31
C ALA A 245 0.67 9.14 -3.21
N LEU A 246 1.26 10.19 -2.65
CA LEU A 246 1.67 11.30 -3.50
C LEU A 246 2.85 11.98 -2.83
N LEU A 247 3.95 12.09 -3.59
CA LEU A 247 5.20 12.63 -3.07
C LEU A 247 5.40 13.99 -3.69
N LEU A 248 5.40 15.01 -2.83
CA LEU A 248 5.65 16.37 -3.27
C LEU A 248 7.11 16.66 -2.96
N CYS A 249 7.89 16.96 -4.01
CA CYS A 249 9.34 16.96 -3.97
C CYS A 249 9.87 18.34 -4.36
N GLU A 250 10.96 18.73 -3.69
CA GLU A 250 11.78 19.86 -4.07
C GLU A 250 12.25 19.66 -5.51
N GLN A 251 12.23 20.76 -6.29
CA GLN A 251 12.74 20.72 -7.65
C GLN A 251 14.12 20.05 -7.66
N GLY A 252 14.30 19.09 -8.57
CA GLY A 252 15.60 18.47 -8.80
C GLY A 252 15.99 17.42 -7.75
N VAL A 253 15.01 16.95 -6.96
CA VAL A 253 15.27 15.88 -6.02
C VAL A 253 15.98 14.73 -6.74
N THR A 254 16.89 14.05 -6.02
CA THR A 254 17.53 12.85 -6.55
C THR A 254 17.31 11.67 -5.60
N GLU A 255 17.92 10.53 -5.92
CA GLU A 255 17.91 9.39 -5.00
C GLU A 255 18.57 9.78 -3.67
N ASP A 256 19.59 10.65 -3.69
CA ASP A 256 20.38 10.89 -2.48
C ASP A 256 20.08 12.25 -1.82
N ALA A 257 19.50 13.21 -2.58
CA ALA A 257 19.39 14.56 -2.04
C ALA A 257 18.05 15.23 -2.36
N GLY A 258 17.63 16.12 -1.44
CA GLY A 258 16.50 17.02 -1.61
C GLY A 258 15.31 16.60 -0.74
N ASN A 259 14.36 17.53 -0.56
CA ASN A 259 13.24 17.32 0.34
C ASN A 259 12.10 16.60 -0.37
N VAL A 260 11.50 15.64 0.35
CA VAL A 260 10.32 14.94 -0.12
C VAL A 260 9.28 14.87 1.00
N PHE A 261 8.01 15.15 0.65
CA PHE A 261 6.90 14.92 1.55
C PHE A 261 5.99 13.87 0.93
N ALA A 262 5.87 12.70 1.57
CA ALA A 262 4.98 11.66 1.09
C ALA A 262 3.69 11.68 1.90
N ILE A 263 2.55 11.81 1.21
CA ILE A 263 1.25 11.66 1.83
C ILE A 263 0.66 10.34 1.36
N GLN A 264 0.17 9.53 2.31
CA GLN A 264 -0.33 8.20 1.99
C GLN A 264 -1.64 7.97 2.76
N LEU A 265 -2.49 7.06 2.27
CA LEU A 265 -3.76 6.74 2.92
C LEU A 265 -3.81 5.26 3.32
N MET A 266 -4.21 5.00 4.57
CA MET A 266 -4.43 3.64 5.02
C MET A 266 -5.87 3.24 4.68
N TYR A 267 -6.10 2.95 3.40
CA TYR A 267 -7.45 2.68 2.93
C TYR A 267 -7.32 1.96 1.61
N SER A 268 -8.26 1.06 1.31
CA SER A 268 -8.11 0.11 0.22
C SER A 268 -9.28 0.24 -0.75
N GLY A 269 -10.17 1.21 -0.49
CA GLY A 269 -11.32 1.47 -1.34
C GLY A 269 -11.06 2.60 -2.32
N ASN A 270 -12.12 3.38 -2.59
CA ASN A 270 -12.02 4.53 -3.48
C ASN A 270 -11.28 5.67 -2.77
N PHE A 271 -10.25 6.20 -3.43
CA PHE A 271 -9.51 7.30 -2.82
C PHE A 271 -9.23 8.36 -3.87
N GLU A 272 -8.77 9.52 -3.42
CA GLU A 272 -8.20 10.51 -4.34
C GLU A 272 -7.00 11.17 -3.67
N ALA A 273 -5.92 11.36 -4.44
CA ALA A 273 -4.83 12.25 -4.08
C ALA A 273 -4.72 13.35 -5.14
N PHE A 274 -4.59 14.61 -4.74
CA PHE A 274 -4.50 15.67 -5.75
C PHE A 274 -3.43 16.69 -5.35
N VAL A 275 -2.94 17.41 -6.37
CA VAL A 275 -2.12 18.57 -6.14
C VAL A 275 -2.71 19.68 -6.98
N GLN A 276 -3.04 20.79 -6.31
CA GLN A 276 -3.61 21.94 -7.00
C GLN A 276 -2.65 23.13 -6.89
N LYS A 277 -2.28 23.67 -8.05
CA LYS A 277 -1.51 24.90 -8.09
C LYS A 277 -2.43 26.04 -8.52
N ASN A 278 -2.65 27.01 -7.61
CA ASN A 278 -3.69 28.02 -7.79
C ASN A 278 -3.11 29.25 -8.51
N GLN A 279 -3.94 30.32 -8.59
CA GLN A 279 -3.67 31.54 -9.34
C GLN A 279 -2.44 32.29 -8.81
N LEU A 280 -2.07 32.09 -7.52
CA LEU A 280 -0.94 32.77 -6.90
C LEU A 280 0.32 31.92 -6.95
N ASN A 281 0.24 30.70 -7.51
CA ASN A 281 1.33 29.74 -7.56
C ASN A 281 1.43 28.92 -6.26
N GLU A 282 0.50 29.12 -5.33
CA GLU A 282 0.41 28.28 -4.13
C GLU A 282 0.02 26.85 -4.50
N VAL A 283 0.33 25.89 -3.62
CA VAL A 283 0.16 24.47 -3.90
C VAL A 283 -0.58 23.78 -2.74
N ARG A 284 -1.72 23.15 -3.06
CA ARG A 284 -2.47 22.36 -2.08
C ARG A 284 -2.31 20.88 -2.43
N VAL A 285 -2.08 20.05 -1.41
CA VAL A 285 -2.09 18.62 -1.60
C VAL A 285 -3.07 18.03 -0.60
N ALA A 286 -3.78 16.97 -0.99
CA ALA A 286 -4.70 16.30 -0.08
C ALA A 286 -4.85 14.83 -0.53
N ILE A 287 -5.23 13.96 0.43
CA ILE A 287 -5.54 12.57 0.18
C ILE A 287 -6.71 12.15 1.09
N GLY A 288 -7.59 11.29 0.56
CA GLY A 288 -8.71 10.81 1.34
C GLY A 288 -9.64 9.89 0.54
N ILE A 289 -10.79 9.57 1.13
CA ILE A 289 -11.85 8.88 0.43
C ILE A 289 -12.22 9.72 -0.80
N ASN A 290 -12.39 9.04 -1.94
CA ASN A 290 -12.83 9.71 -3.16
C ASN A 290 -14.23 10.29 -2.95
N PRO A 291 -14.48 11.59 -3.27
CA PRO A 291 -15.84 12.10 -3.38
C PRO A 291 -16.73 11.30 -4.32
N GLU A 292 -16.16 10.71 -5.38
CA GLU A 292 -16.94 9.89 -6.30
C GLU A 292 -17.40 8.61 -5.59
N ASN A 293 -18.69 8.29 -5.75
CA ASN A 293 -19.27 7.08 -5.16
C ASN A 293 -19.39 7.19 -3.64
N PHE A 294 -19.32 8.41 -3.10
CA PHE A 294 -19.39 8.62 -1.66
C PHE A 294 -20.34 9.74 -1.27
N SER A 295 -21.26 9.41 -0.34
CA SER A 295 -22.02 10.34 0.48
C SER A 295 -22.21 9.66 1.83
N TRP A 296 -22.32 10.43 2.92
CA TRP A 296 -22.53 9.76 4.19
C TRP A 296 -23.57 10.50 5.03
N LYS A 297 -24.74 9.86 5.20
CA LYS A 297 -25.82 10.31 6.03
C LYS A 297 -25.43 10.18 7.51
N LEU A 298 -25.70 11.24 8.28
CA LEU A 298 -25.54 11.19 9.73
C LEU A 298 -26.86 11.63 10.35
N ALA A 299 -27.51 10.72 11.06
CA ALA A 299 -28.69 11.06 11.82
C ALA A 299 -28.24 11.80 13.09
N PRO A 300 -29.14 12.53 13.81
CA PRO A 300 -28.73 13.23 15.02
C PRO A 300 -27.90 12.35 15.93
N GLU A 301 -26.79 12.91 16.41
CA GLU A 301 -25.86 12.30 17.33
C GLU A 301 -24.95 11.26 16.66
N GLU A 302 -25.14 10.96 15.36
CA GLU A 302 -24.18 10.07 14.70
C GLU A 302 -22.91 10.83 14.36
N TYR A 303 -21.81 10.09 14.13
CA TYR A 303 -20.55 10.68 13.72
C TYR A 303 -19.91 9.82 12.61
N PHE A 304 -18.93 10.42 11.92
CA PHE A 304 -18.15 9.74 10.88
C PHE A 304 -16.66 10.02 11.08
N GLU A 305 -15.84 8.97 11.05
CA GLU A 305 -14.38 9.10 11.11
C GLU A 305 -13.77 8.64 9.81
N THR A 306 -12.79 9.42 9.33
CA THR A 306 -12.12 9.18 8.07
C THR A 306 -11.00 8.16 8.29
N PRO A 307 -10.53 7.46 7.23
CA PRO A 307 -9.32 6.65 7.33
C PRO A 307 -8.09 7.48 7.70
N VAL A 308 -7.07 6.79 8.20
CA VAL A 308 -5.85 7.44 8.63
C VAL A 308 -4.99 7.77 7.42
N ALA A 309 -4.53 9.03 7.38
CA ALA A 309 -3.54 9.48 6.42
C ALA A 309 -2.22 9.63 7.15
N LEU A 310 -1.14 9.58 6.36
CA LEU A 310 0.20 9.71 6.88
C LEU A 310 0.91 10.77 6.05
N VAL A 311 1.70 11.61 6.72
CA VAL A 311 2.65 12.48 6.05
C VAL A 311 4.04 12.17 6.59
N THR A 312 4.96 11.86 5.65
CA THR A 312 6.31 11.40 5.90
C THR A 312 7.29 12.35 5.22
N HIS A 313 8.43 12.57 5.87
CA HIS A 313 9.37 13.54 5.34
C HIS A 313 10.78 12.97 5.32
N SER A 314 11.53 13.29 4.25
CA SER A 314 12.97 13.11 4.23
C SER A 314 13.65 14.31 3.57
N ASP A 315 14.87 14.64 4.03
CA ASP A 315 15.72 15.54 3.26
C ASP A 315 16.88 14.76 2.61
N GLN A 316 16.68 13.45 2.40
N GLN A 316 16.69 13.45 2.41
CA GLN A 316 17.72 12.61 1.83
CA GLN A 316 17.74 12.63 1.83
C GLN A 316 17.24 11.98 0.53
C GLN A 316 17.24 11.98 0.53
N GLY A 317 16.46 12.77 -0.23
CA GLY A 317 15.99 12.36 -1.54
C GLY A 317 15.04 11.18 -1.49
N LEU A 318 14.92 10.51 -2.64
CA LEU A 318 13.92 9.48 -2.85
C LEU A 318 14.30 8.19 -2.12
N THR A 319 15.60 7.93 -1.94
CA THR A 319 16.00 6.82 -1.09
C THR A 319 15.64 7.14 0.37
N GLY A 320 15.80 8.41 0.75
CA GLY A 320 15.43 8.86 2.09
C GLY A 320 13.95 8.60 2.40
N ILE A 321 13.07 8.97 1.45
CA ILE A 321 11.65 8.80 1.65
C ILE A 321 11.29 7.30 1.63
N SER A 322 11.96 6.51 0.77
CA SER A 322 11.74 5.07 0.75
C SER A 322 12.00 4.49 2.15
N HIS A 323 13.17 4.82 2.73
CA HIS A 323 13.56 4.31 4.02
C HIS A 323 12.58 4.75 5.11
N GLU A 324 12.20 6.04 5.12
CA GLU A 324 11.25 6.54 6.11
C GLU A 324 9.91 5.80 6.03
N SER A 325 9.42 5.64 4.80
CA SER A 325 8.10 5.05 4.60
C SER A 325 8.15 3.56 4.98
N GLN A 326 9.20 2.87 4.50
CA GLN A 326 9.36 1.45 4.78
C GLN A 326 9.43 1.21 6.29
N ASN A 327 10.24 2.03 6.97
CA ASN A 327 10.45 1.92 8.41
C ASN A 327 9.13 2.10 9.15
N PHE A 328 8.37 3.12 8.74
CA PHE A 328 7.12 3.40 9.43
C PHE A 328 6.16 2.24 9.28
N VAL A 329 6.09 1.71 8.05
CA VAL A 329 5.24 0.57 7.76
C VAL A 329 5.65 -0.64 8.61
N LEU A 330 6.96 -0.93 8.70
CA LEU A 330 7.43 -2.12 9.39
C LEU A 330 7.08 -2.05 10.88
N LYS A 331 7.14 -0.85 11.46
CA LYS A 331 7.09 -0.69 12.91
C LYS A 331 5.67 -0.37 13.35
N HIS A 332 4.82 0.17 12.47
CA HIS A 332 3.57 0.70 12.98
C HIS A 332 2.37 0.29 12.13
N ILE A 333 2.59 -0.41 11.01
CA ILE A 333 1.47 -0.91 10.22
C ILE A 333 1.48 -2.42 10.12
N MET A 334 2.51 -2.97 9.48
CA MET A 334 2.56 -4.41 9.30
C MET A 334 2.48 -5.08 10.67
N LEU A 335 1.77 -6.22 10.76
CA LEU A 335 1.65 -6.95 12.02
C LEU A 335 3.03 -7.28 12.61
N SER A 336 3.18 -7.04 13.92
CA SER A 336 4.38 -7.30 14.69
C SER A 336 4.74 -8.78 14.61
N GLU A 337 3.74 -9.65 14.51
CA GLU A 337 3.99 -11.08 14.47
C GLU A 337 4.82 -11.44 13.23
N PHE A 338 4.90 -10.54 12.24
CA PHE A 338 5.44 -10.96 10.95
C PHE A 338 6.46 -9.97 10.39
N SER A 339 6.43 -8.73 10.90
CA SER A 339 7.19 -7.62 10.32
C SER A 339 8.69 -7.86 10.35
N LYS A 340 9.19 -8.66 11.31
CA LYS A 340 10.61 -8.99 11.33
C LYS A 340 10.79 -10.50 11.23
N LYS A 341 9.79 -11.20 10.67
CA LYS A 341 9.86 -12.66 10.58
C LYS A 341 10.14 -13.06 9.14
N GLU A 342 11.20 -13.87 8.94
CA GLU A 342 11.55 -14.39 7.63
C GLU A 342 10.37 -15.19 7.08
N ARG A 343 10.05 -14.98 5.80
CA ARG A 343 8.85 -15.54 5.21
C ARG A 343 9.21 -16.82 4.46
N PRO A 344 8.32 -17.84 4.50
CA PRO A 344 8.60 -19.13 3.87
C PRO A 344 8.71 -19.08 2.34
N ILE A 345 9.75 -19.77 1.82
CA ILE A 345 9.87 -19.97 0.38
C ILE A 345 8.77 -20.94 -0.02
N LEU A 346 7.90 -20.50 -0.93
CA LEU A 346 6.71 -21.30 -1.22
C LEU A 346 6.75 -21.85 -2.65
N ILE A 347 5.90 -22.85 -2.89
CA ILE A 347 5.49 -23.27 -4.21
C ILE A 347 4.00 -23.00 -4.29
N ASN A 348 3.58 -22.42 -5.41
CA ASN A 348 2.18 -22.19 -5.68
C ASN A 348 1.89 -22.89 -7.01
N ASN A 349 0.77 -23.62 -7.10
CA ASN A 349 0.51 -24.45 -8.28
C ASN A 349 -0.23 -23.72 -9.41
N TRP A 350 -0.60 -22.44 -9.24
CA TRP A 350 -1.49 -21.77 -10.19
C TRP A 350 -0.95 -21.81 -11.62
N GLU A 351 0.20 -21.18 -11.88
CA GLU A 351 0.73 -21.16 -13.24
C GLU A 351 1.11 -22.60 -13.61
N ALA A 352 1.34 -23.43 -12.58
CA ALA A 352 1.83 -24.78 -12.78
C ALA A 352 0.75 -25.66 -13.39
N THR A 353 -0.51 -25.54 -12.93
CA THR A 353 -1.55 -26.47 -13.35
C THR A 353 -2.85 -25.76 -13.75
N TYR A 354 -3.00 -24.47 -13.40
CA TYR A 354 -4.31 -23.83 -13.43
C TYR A 354 -5.31 -24.71 -12.68
N PHE A 355 -6.50 -24.91 -13.28
CA PHE A 355 -7.59 -25.64 -12.64
C PHE A 355 -7.42 -27.15 -12.74
N ASP A 356 -6.50 -27.62 -13.61
CA ASP A 356 -6.39 -29.03 -13.93
C ASP A 356 -5.41 -29.76 -13.01
N PHE A 357 -5.89 -30.20 -11.85
CA PHE A 357 -5.04 -30.89 -10.90
C PHE A 357 -5.90 -31.89 -10.15
N GLN A 358 -5.25 -32.85 -9.47
CA GLN A 358 -5.91 -33.65 -8.45
C GLN A 358 -4.87 -34.12 -7.43
N ARG A 359 -5.28 -35.00 -6.50
CA ARG A 359 -4.46 -35.33 -5.34
C ARG A 359 -3.08 -35.81 -5.76
N GLU A 360 -3.04 -36.75 -6.71
CA GLU A 360 -1.76 -37.32 -7.08
C GLU A 360 -0.80 -36.23 -7.58
N LYS A 361 -1.26 -35.39 -8.53
CA LYS A 361 -0.48 -34.28 -9.07
C LYS A 361 0.06 -33.38 -7.94
N LEU A 362 -0.81 -33.05 -6.97
CA LEU A 362 -0.45 -32.16 -5.87
C LEU A 362 0.68 -32.74 -5.05
N LEU A 363 0.56 -34.03 -4.66
CA LEU A 363 1.55 -34.66 -3.81
C LEU A 363 2.87 -34.86 -4.54
N GLU A 364 2.80 -35.04 -5.87
CA GLU A 364 3.99 -35.17 -6.69
C GLU A 364 4.73 -33.84 -6.71
N LEU A 365 3.97 -32.75 -6.91
CA LEU A 365 4.54 -31.42 -6.87
C LEU A 365 5.14 -31.17 -5.47
N ALA A 366 4.39 -31.57 -4.43
CA ALA A 366 4.87 -31.46 -3.05
C ALA A 366 6.20 -32.21 -2.85
N ASP A 367 6.29 -33.44 -3.38
CA ASP A 367 7.53 -34.20 -3.28
C ASP A 367 8.69 -33.41 -3.90
N GLU A 368 8.45 -32.83 -5.08
CA GLU A 368 9.54 -32.17 -5.80
C GLU A 368 9.91 -30.88 -5.08
N ALA A 369 8.89 -30.21 -4.51
CA ALA A 369 9.16 -28.98 -3.76
C ALA A 369 10.04 -29.29 -2.56
N LYS A 370 9.76 -30.40 -1.87
CA LYS A 370 10.51 -30.76 -0.68
C LYS A 370 11.98 -31.05 -1.03
N LYS A 371 12.22 -31.77 -2.15
CA LYS A 371 13.56 -32.12 -2.60
C LYS A 371 14.38 -30.87 -2.87
N VAL A 372 13.76 -29.79 -3.34
CA VAL A 372 14.54 -28.61 -3.65
C VAL A 372 14.57 -27.66 -2.45
N GLY A 373 13.90 -28.05 -1.38
CA GLY A 373 14.05 -27.38 -0.08
C GLY A 373 13.06 -26.24 0.12
N ILE A 374 12.00 -26.22 -0.68
CA ILE A 374 10.87 -25.31 -0.51
C ILE A 374 10.18 -25.63 0.83
N GLU A 375 9.57 -24.60 1.46
CA GLU A 375 9.18 -24.71 2.86
C GLU A 375 7.65 -24.78 3.02
N LEU A 376 6.93 -24.17 2.07
CA LEU A 376 5.49 -24.01 2.15
C LEU A 376 4.86 -24.37 0.80
N PHE A 377 3.73 -25.09 0.85
CA PHE A 377 3.02 -25.52 -0.35
C PHE A 377 1.64 -24.85 -0.35
N VAL A 378 1.37 -24.06 -1.40
CA VAL A 378 0.14 -23.30 -1.50
C VAL A 378 -0.72 -23.94 -2.59
N LEU A 379 -1.91 -24.39 -2.19
CA LEU A 379 -2.97 -24.84 -3.07
C LEU A 379 -3.80 -23.64 -3.51
N ASP A 380 -3.78 -23.38 -4.83
CA ASP A 380 -4.38 -22.18 -5.39
C ASP A 380 -5.83 -22.50 -5.79
N ASP A 381 -6.36 -21.72 -6.75
CA ASP A 381 -7.76 -21.72 -7.14
C ASP A 381 -8.16 -23.11 -7.65
N GLY A 382 -9.41 -23.50 -7.40
CA GLY A 382 -9.98 -24.69 -8.01
C GLY A 382 -10.23 -25.87 -7.06
N TRP A 383 -10.05 -25.68 -5.74
CA TRP A 383 -10.21 -26.79 -4.79
C TRP A 383 -11.63 -26.88 -4.21
N PHE A 384 -12.52 -25.95 -4.56
CA PHE A 384 -13.78 -25.75 -3.86
C PHE A 384 -14.93 -25.89 -4.86
N GLY A 385 -16.13 -26.26 -4.38
CA GLY A 385 -17.34 -26.29 -5.22
C GLY A 385 -17.10 -27.11 -6.47
N ASN A 386 -17.65 -26.68 -7.62
CA ASN A 386 -17.30 -27.29 -8.89
C ASN A 386 -16.47 -26.30 -9.72
N ARG A 387 -15.40 -25.79 -9.10
CA ARG A 387 -14.54 -24.79 -9.73
C ARG A 387 -13.54 -25.47 -10.67
N PHE A 388 -14.04 -25.93 -11.83
CA PHE A 388 -13.18 -26.53 -12.85
C PHE A 388 -12.65 -25.48 -13.82
N ASP A 389 -13.23 -24.27 -13.81
CA ASP A 389 -12.74 -23.15 -14.60
C ASP A 389 -13.08 -21.87 -13.84
N ASP A 390 -13.04 -20.72 -14.52
CA ASP A 390 -13.24 -19.47 -13.79
C ASP A 390 -14.59 -18.85 -14.13
N ASN A 391 -15.59 -19.73 -14.35
CA ASN A 391 -16.92 -19.35 -14.81
C ASN A 391 -17.98 -19.74 -13.78
N ARG A 392 -17.57 -20.31 -12.65
CA ARG A 392 -18.55 -20.78 -11.67
C ARG A 392 -17.93 -20.91 -10.27
N ALA A 393 -18.80 -21.17 -9.28
CA ALA A 393 -18.47 -21.73 -7.96
C ALA A 393 -18.01 -20.72 -6.91
N LEU A 394 -17.66 -19.47 -7.28
CA LEU A 394 -17.24 -18.53 -6.24
C LEU A 394 -18.43 -18.31 -5.30
N GLY A 395 -18.18 -18.35 -3.99
CA GLY A 395 -19.30 -18.31 -3.05
C GLY A 395 -19.51 -19.67 -2.37
N ASP A 396 -19.04 -20.76 -3.01
CA ASP A 396 -19.24 -22.12 -2.53
C ASP A 396 -17.92 -22.66 -1.97
N TRP A 397 -17.63 -22.31 -0.71
CA TRP A 397 -16.36 -22.62 -0.08
C TRP A 397 -16.34 -24.04 0.51
N VAL A 398 -16.97 -24.98 -0.20
CA VAL A 398 -17.05 -26.39 0.20
C VAL A 398 -15.92 -27.14 -0.49
N VAL A 399 -15.18 -27.98 0.25
CA VAL A 399 -14.06 -28.74 -0.30
C VAL A 399 -14.55 -29.74 -1.35
N ASN A 400 -13.87 -29.77 -2.51
CA ASN A 400 -14.16 -30.73 -3.55
C ASN A 400 -13.34 -32.00 -3.26
N GLU A 401 -13.91 -32.90 -2.45
CA GLU A 401 -13.18 -34.05 -1.94
C GLU A 401 -12.87 -35.02 -3.08
N GLU A 402 -13.72 -35.05 -4.12
CA GLU A 402 -13.43 -35.85 -5.28
C GLU A 402 -12.10 -35.39 -5.88
N LYS A 403 -11.97 -34.08 -6.10
CA LYS A 403 -10.79 -33.54 -6.77
C LYS A 403 -9.56 -33.69 -5.88
N LEU A 404 -9.72 -33.45 -4.57
CA LEU A 404 -8.58 -33.54 -3.65
C LEU A 404 -8.35 -34.99 -3.21
N GLY A 405 -9.16 -35.93 -3.73
CA GLY A 405 -8.98 -37.36 -3.45
C GLY A 405 -9.15 -37.68 -1.97
N GLY A 406 -10.09 -36.98 -1.31
CA GLY A 406 -10.38 -37.16 0.12
C GLY A 406 -10.58 -35.81 0.78
N SER A 407 -10.61 -35.78 2.12
CA SER A 407 -10.85 -34.54 2.84
C SER A 407 -9.65 -33.61 2.68
N LEU A 408 -9.89 -32.31 2.90
CA LEU A 408 -8.82 -31.33 2.97
C LEU A 408 -7.92 -31.66 4.17
N GLU A 409 -8.50 -32.23 5.22
CA GLU A 409 -7.71 -32.64 6.38
C GLU A 409 -6.66 -33.64 5.92
N SER A 410 -7.05 -34.65 5.13
CA SER A 410 -6.12 -35.70 4.73
C SER A 410 -5.05 -35.15 3.77
N LEU A 411 -5.46 -34.25 2.86
CA LEU A 411 -4.48 -33.58 2.01
C LEU A 411 -3.46 -32.81 2.86
N ILE A 412 -3.92 -32.05 3.86
CA ILE A 412 -3.04 -31.24 4.66
C ILE A 412 -2.03 -32.13 5.40
N SER A 413 -2.51 -33.24 5.97
CA SER A 413 -1.65 -34.16 6.69
C SER A 413 -0.58 -34.69 5.74
N ALA A 414 -0.99 -35.05 4.52
CA ALA A 414 -0.04 -35.52 3.53
C ALA A 414 1.07 -34.49 3.28
N ILE A 415 0.69 -33.20 3.21
CA ILE A 415 1.63 -32.13 2.93
C ILE A 415 2.52 -31.95 4.15
N HIS A 416 1.94 -31.88 5.36
CA HIS A 416 2.69 -31.74 6.59
C HIS A 416 3.72 -32.87 6.73
N GLU A 417 3.32 -34.11 6.35
CA GLU A 417 4.16 -35.28 6.55
C GLU A 417 5.32 -35.26 5.57
N ARG A 418 5.17 -34.52 4.47
CA ARG A 418 6.26 -34.34 3.53
C ARG A 418 7.18 -33.21 4.00
N GLY A 419 6.85 -32.62 5.16
CA GLY A 419 7.70 -31.61 5.78
C GLY A 419 7.42 -30.20 5.26
N LEU A 420 6.22 -29.96 4.70
CA LEU A 420 5.90 -28.65 4.13
C LEU A 420 4.77 -28.00 4.91
N GLN A 421 4.84 -26.67 5.05
CA GLN A 421 3.69 -25.94 5.53
C GLN A 421 2.61 -25.98 4.44
N PHE A 422 1.36 -25.64 4.80
CA PHE A 422 0.25 -25.74 3.87
C PHE A 422 -0.47 -24.39 3.77
N GLY A 423 -0.75 -23.97 2.53
CA GLY A 423 -1.42 -22.69 2.29
C GLY A 423 -2.63 -22.89 1.38
N LEU A 424 -3.59 -21.95 1.41
CA LEU A 424 -4.82 -22.13 0.64
C LEU A 424 -5.28 -20.78 0.09
N TRP A 425 -5.75 -20.80 -1.16
CA TRP A 425 -6.32 -19.66 -1.87
C TRP A 425 -7.79 -19.51 -1.47
N LEU A 426 -8.20 -18.26 -1.16
CA LEU A 426 -9.60 -17.89 -1.04
C LEU A 426 -9.90 -16.67 -1.90
N GLU A 427 -11.20 -16.50 -2.23
CA GLU A 427 -11.67 -15.26 -2.84
C GLU A 427 -13.03 -14.88 -2.24
N PRO A 428 -13.07 -14.49 -0.94
CA PRO A 428 -14.32 -14.45 -0.19
C PRO A 428 -15.32 -13.39 -0.62
N GLU A 429 -14.85 -12.36 -1.34
CA GLU A 429 -15.66 -11.17 -1.58
C GLU A 429 -16.52 -11.33 -2.83
N MET A 430 -16.48 -12.52 -3.43
CA MET A 430 -17.02 -12.71 -4.77
C MET A 430 -18.02 -13.86 -4.81
N ILE A 431 -18.89 -13.81 -5.83
CA ILE A 431 -19.95 -14.79 -6.01
C ILE A 431 -20.17 -14.98 -7.52
N SER A 432 -20.25 -16.25 -7.93
CA SER A 432 -20.61 -16.59 -9.29
C SER A 432 -22.14 -16.72 -9.40
N VAL A 433 -22.66 -16.34 -10.58
CA VAL A 433 -24.05 -16.61 -10.89
C VAL A 433 -24.27 -18.12 -10.77
N ASP A 434 -23.34 -18.90 -11.34
CA ASP A 434 -23.40 -20.36 -11.28
C ASP A 434 -22.71 -20.86 -10.00
N SER A 435 -23.46 -20.88 -8.91
CA SER A 435 -22.99 -21.24 -7.59
C SER A 435 -24.23 -21.50 -6.73
N ASP A 436 -24.11 -22.31 -5.68
CA ASP A 436 -25.24 -22.56 -4.79
C ASP A 436 -25.49 -21.32 -3.96
N LEU A 437 -24.42 -20.55 -3.68
CA LEU A 437 -24.62 -19.30 -2.98
C LEU A 437 -25.57 -18.38 -3.74
N TYR A 438 -25.34 -18.19 -5.05
CA TYR A 438 -26.17 -17.27 -5.81
C TYR A 438 -27.59 -17.81 -5.92
N ARG A 439 -27.72 -19.13 -6.13
CA ARG A 439 -29.03 -19.76 -6.19
C ARG A 439 -29.82 -19.54 -4.90
N GLN A 440 -29.15 -19.57 -3.73
CA GLN A 440 -29.78 -19.34 -2.45
C GLN A 440 -29.98 -17.84 -2.17
N HIS A 441 -29.02 -16.97 -2.55
CA HIS A 441 -29.12 -15.57 -2.17
C HIS A 441 -28.70 -14.63 -3.30
N PRO A 442 -29.48 -14.50 -4.40
CA PRO A 442 -29.11 -13.62 -5.52
C PRO A 442 -28.98 -12.14 -5.14
N ASP A 443 -29.63 -11.75 -4.03
CA ASP A 443 -29.70 -10.36 -3.59
C ASP A 443 -28.42 -9.97 -2.84
N TRP A 444 -27.52 -10.95 -2.60
CA TRP A 444 -26.29 -10.66 -1.87
C TRP A 444 -25.27 -9.99 -2.80
N ALA A 445 -25.46 -10.11 -4.11
CA ALA A 445 -24.56 -9.50 -5.08
C ALA A 445 -24.82 -7.99 -5.12
N ILE A 446 -23.76 -7.24 -5.38
CA ILE A 446 -23.90 -5.81 -5.68
C ILE A 446 -24.57 -5.71 -7.04
N GLN A 447 -25.68 -4.94 -7.09
CA GLN A 447 -26.54 -4.90 -8.26
C GLN A 447 -27.50 -3.71 -8.12
N VAL A 448 -28.16 -3.38 -9.22
CA VAL A 448 -29.18 -2.35 -9.23
C VAL A 448 -30.48 -3.04 -9.63
N PRO A 449 -31.61 -2.79 -8.92
CA PRO A 449 -32.89 -3.36 -9.31
C PRO A 449 -33.22 -2.96 -10.75
N GLY A 450 -33.60 -3.96 -11.57
CA GLY A 450 -34.05 -3.76 -12.94
C GLY A 450 -32.90 -3.58 -13.94
N TYR A 451 -31.64 -3.72 -13.50
CA TYR A 451 -30.54 -3.72 -14.46
C TYR A 451 -29.89 -5.09 -14.48
N GLU A 452 -29.50 -5.56 -15.68
CA GLU A 452 -28.69 -6.77 -15.81
C GLU A 452 -27.37 -6.56 -15.09
N HIS A 453 -26.73 -7.67 -14.67
CA HIS A 453 -25.41 -7.61 -14.08
C HIS A 453 -24.40 -7.09 -15.08
N THR A 454 -23.41 -6.36 -14.58
CA THR A 454 -22.17 -6.23 -15.34
C THR A 454 -21.21 -7.28 -14.82
N TYR A 455 -20.57 -8.01 -15.74
CA TYR A 455 -19.71 -9.12 -15.40
C TYR A 455 -18.23 -8.75 -15.56
N SER A 456 -17.41 -9.45 -14.79
CA SER A 456 -15.97 -9.25 -14.87
C SER A 456 -15.29 -10.54 -14.43
N ARG A 457 -14.44 -11.12 -15.27
CA ARG A 457 -14.04 -12.52 -15.13
C ARG A 457 -15.26 -13.41 -14.84
N ASN A 458 -16.42 -13.07 -15.44
CA ASN A 458 -17.67 -13.83 -15.33
C ASN A 458 -18.07 -14.07 -13.86
N GLN A 459 -17.85 -13.08 -12.99
CA GLN A 459 -18.25 -13.20 -11.59
C GLN A 459 -18.85 -11.87 -11.15
N LEU A 460 -19.44 -11.89 -9.96
CA LEU A 460 -20.03 -10.71 -9.34
C LEU A 460 -19.37 -10.46 -7.99
N VAL A 461 -19.62 -9.26 -7.43
CA VAL A 461 -19.06 -8.87 -6.16
C VAL A 461 -20.16 -9.00 -5.10
N LEU A 462 -19.84 -9.65 -3.99
CA LEU A 462 -20.73 -9.72 -2.85
C LEU A 462 -20.85 -8.34 -2.22
N ASN A 463 -22.04 -8.05 -1.69
CA ASN A 463 -22.28 -6.80 -1.00
C ASN A 463 -21.86 -6.93 0.47
N LEU A 464 -20.58 -6.65 0.75
CA LEU A 464 -20.08 -6.70 2.11
C LEU A 464 -20.59 -5.52 2.96
N ALA A 465 -21.37 -4.60 2.38
CA ALA A 465 -22.11 -3.63 3.17
C ALA A 465 -23.33 -4.29 3.83
N ASN A 466 -23.69 -5.49 3.36
CA ASN A 466 -24.79 -6.24 3.93
C ASN A 466 -24.25 -7.03 5.14
N PRO A 467 -24.66 -6.69 6.39
CA PRO A 467 -24.15 -7.40 7.56
C PRO A 467 -24.44 -8.90 7.54
N GLN A 468 -25.45 -9.35 6.79
CA GLN A 468 -25.70 -10.78 6.69
C GLN A 468 -24.56 -11.44 5.89
N VAL A 469 -24.05 -10.71 4.88
CA VAL A 469 -22.95 -11.20 4.06
C VAL A 469 -21.68 -11.32 4.91
N VAL A 470 -21.39 -10.29 5.74
CA VAL A 470 -20.21 -10.32 6.60
C VAL A 470 -20.33 -11.47 7.61
N GLU A 471 -21.52 -11.66 8.19
CA GLU A 471 -21.70 -12.73 9.17
C GLU A 471 -21.47 -14.08 8.52
N TYR A 472 -21.96 -14.25 7.30
CA TYR A 472 -21.84 -15.51 6.59
C TYR A 472 -20.36 -15.82 6.33
N LEU A 473 -19.61 -14.80 5.89
CA LEU A 473 -18.21 -15.04 5.57
C LEU A 473 -17.40 -15.28 6.85
N LYS A 474 -17.68 -14.53 7.92
CA LYS A 474 -17.00 -14.84 9.17
C LYS A 474 -17.20 -16.32 9.51
N SER A 475 -18.46 -16.78 9.42
CA SER A 475 -18.80 -18.12 9.86
C SER A 475 -18.12 -19.18 9.02
N VAL A 476 -18.25 -19.06 7.69
CA VAL A 476 -17.69 -20.04 6.79
C VAL A 476 -16.17 -20.12 6.98
N LEU A 477 -15.51 -18.97 7.10
CA LEU A 477 -14.05 -18.96 7.09
C LEU A 477 -13.50 -19.38 8.44
N ASP A 478 -14.20 -19.02 9.52
CA ASP A 478 -13.84 -19.46 10.85
C ASP A 478 -13.88 -20.99 10.90
N GLN A 479 -14.90 -21.56 10.25
CA GLN A 479 -15.07 -23.00 10.19
C GLN A 479 -13.88 -23.63 9.47
N LEU A 480 -13.58 -23.11 8.27
CA LEU A 480 -12.48 -23.60 7.48
C LEU A 480 -11.16 -23.56 8.28
N LEU A 481 -10.86 -22.45 8.95
CA LEU A 481 -9.59 -22.27 9.62
C LEU A 481 -9.55 -23.04 10.95
N PHE A 482 -10.69 -23.21 11.65
CA PHE A 482 -10.61 -23.91 12.92
C PHE A 482 -10.53 -25.43 12.71
N TYR A 483 -11.11 -25.93 11.61
CA TYR A 483 -11.17 -27.36 11.39
C TYR A 483 -9.98 -27.88 10.57
N HIS A 484 -9.09 -27.00 10.13
CA HIS A 484 -7.98 -27.44 9.31
C HIS A 484 -6.71 -26.74 9.74
N ASP A 485 -5.61 -27.47 9.62
CA ASP A 485 -4.31 -27.02 10.06
C ASP A 485 -3.62 -26.20 8.96
N ILE A 486 -4.16 -25.01 8.68
CA ILE A 486 -3.68 -24.18 7.59
C ILE A 486 -2.66 -23.19 8.15
N ASP A 487 -1.52 -23.08 7.46
CA ASP A 487 -0.40 -22.26 7.89
C ASP A 487 -0.39 -20.90 7.18
N TYR A 488 -1.12 -20.79 6.07
CA TYR A 488 -1.01 -19.63 5.19
C TYR A 488 -2.28 -19.49 4.37
N ILE A 489 -2.70 -18.24 4.12
CA ILE A 489 -3.88 -17.94 3.31
C ILE A 489 -3.49 -16.93 2.24
N LYS A 490 -3.91 -17.22 1.00
CA LYS A 490 -3.81 -16.26 -0.09
C LYS A 490 -5.20 -15.73 -0.37
N TRP A 491 -5.38 -14.43 -0.08
CA TRP A 491 -6.70 -13.83 -0.13
C TRP A 491 -6.85 -13.01 -1.40
N ASN A 492 -7.57 -13.57 -2.39
CA ASN A 492 -7.68 -12.97 -3.71
C ASN A 492 -8.96 -12.13 -3.77
N MET A 493 -9.02 -11.23 -4.79
CA MET A 493 -10.14 -10.36 -5.09
C MET A 493 -10.00 -9.94 -6.55
N ASN A 494 -10.87 -10.48 -7.44
CA ASN A 494 -10.54 -10.51 -8.86
C ASN A 494 -11.38 -9.65 -9.80
N ARG A 495 -12.17 -8.70 -9.28
CA ARG A 495 -12.83 -7.74 -10.15
C ARG A 495 -13.14 -6.46 -9.38
N ASN A 496 -13.56 -5.41 -10.10
CA ASN A 496 -13.87 -4.14 -9.48
C ASN A 496 -15.39 -4.01 -9.41
N ILE A 497 -15.88 -2.99 -8.69
CA ILE A 497 -17.30 -2.91 -8.36
C ILE A 497 -18.06 -2.10 -9.40
N THR A 498 -19.14 -2.69 -9.94
CA THR A 498 -20.08 -2.03 -10.84
C THR A 498 -21.48 -2.10 -10.24
N LYS A 499 -22.42 -1.36 -10.84
CA LYS A 499 -23.85 -1.54 -10.59
C LYS A 499 -24.20 -1.32 -9.11
N LEU A 500 -23.85 -0.14 -8.59
CA LEU A 500 -24.18 0.22 -7.22
C LEU A 500 -25.68 0.56 -7.12
N GLY A 501 -26.45 -0.28 -6.43
CA GLY A 501 -27.86 0.08 -6.21
C GLY A 501 -28.56 -0.79 -5.16
N ASN A 502 -27.83 -1.20 -4.12
CA ASN A 502 -28.35 -2.09 -3.10
C ASN A 502 -29.00 -1.33 -1.93
N GLY A 503 -28.91 0.00 -1.90
CA GLY A 503 -29.52 0.73 -0.79
C GLY A 503 -31.06 0.73 -0.87
N LEU A 504 -31.71 0.98 0.27
CA LEU A 504 -33.15 1.21 0.28
C LEU A 504 -33.41 2.64 -0.16
N THR A 505 -32.39 3.49 -0.11
CA THR A 505 -32.47 4.83 -0.66
C THR A 505 -31.21 5.12 -1.48
N TYR A 506 -31.25 6.20 -2.27
CA TYR A 506 -30.06 6.67 -2.98
C TYR A 506 -28.90 6.88 -2.01
N LEU A 507 -29.17 7.51 -0.86
CA LEU A 507 -28.10 7.81 0.08
C LEU A 507 -27.46 6.52 0.62
N GLU A 508 -28.26 5.48 0.87
CA GLU A 508 -27.65 4.25 1.38
C GLU A 508 -26.74 3.60 0.33
N THR A 509 -27.09 3.75 -0.94
CA THR A 509 -26.25 3.27 -2.03
C THR A 509 -24.94 4.08 -2.08
N GLN A 510 -25.03 5.38 -1.83
CA GLN A 510 -23.86 6.23 -1.88
C GLN A 510 -22.91 5.86 -0.74
N MET A 511 -23.47 5.21 0.27
CA MET A 511 -22.72 4.83 1.45
C MET A 511 -22.13 3.43 1.26
N GLN A 512 -22.65 2.64 0.31
CA GLN A 512 -22.38 1.20 0.30
C GLN A 512 -20.93 0.86 -0.08
N SER A 513 -20.25 1.71 -0.86
CA SER A 513 -18.86 1.45 -1.23
C SER A 513 -17.94 1.57 -0.02
N HIS A 514 -18.14 2.63 0.78
CA HIS A 514 -17.41 2.74 2.04
C HIS A 514 -17.81 1.65 3.04
N GLN A 515 -19.12 1.35 3.15
CA GLN A 515 -19.59 0.33 4.07
C GLN A 515 -19.04 -1.04 3.66
N TYR A 516 -18.87 -1.26 2.35
CA TYR A 516 -18.20 -2.46 1.88
C TYR A 516 -16.82 -2.59 2.53
N MET A 517 -16.04 -1.49 2.46
CA MET A 517 -14.72 -1.47 3.07
C MET A 517 -14.80 -1.74 4.59
N LEU A 518 -15.74 -1.08 5.29
CA LEU A 518 -15.89 -1.31 6.72
C LEU A 518 -16.19 -2.79 6.99
N GLY A 519 -17.03 -3.40 6.14
CA GLY A 519 -17.34 -4.82 6.21
C GLY A 519 -16.12 -5.70 5.96
N LEU A 520 -15.35 -5.39 4.91
CA LEU A 520 -14.09 -6.06 4.62
C LEU A 520 -13.15 -6.00 5.83
N TYR A 521 -12.96 -4.80 6.39
CA TYR A 521 -12.00 -4.64 7.48
C TYR A 521 -12.46 -5.33 8.77
N GLU A 522 -13.77 -5.31 9.02
CA GLU A 522 -14.33 -6.08 10.13
C GLU A 522 -14.03 -7.55 9.91
N LEU A 523 -14.25 -8.05 8.68
CA LEU A 523 -14.00 -9.45 8.34
C LEU A 523 -12.53 -9.80 8.53
N VAL A 524 -11.61 -9.01 7.95
CA VAL A 524 -10.23 -9.48 7.90
C VAL A 524 -9.53 -9.24 9.23
N SER A 525 -9.90 -8.16 9.96
CA SER A 525 -9.31 -7.92 11.27
C SER A 525 -9.72 -9.04 12.24
N TYR A 526 -10.98 -9.41 12.18
CA TYR A 526 -11.47 -10.55 12.95
C TYR A 526 -10.65 -11.81 12.67
N LEU A 527 -10.60 -12.24 11.40
CA LEU A 527 -9.97 -13.53 11.06
C LEU A 527 -8.46 -13.50 11.33
N THR A 528 -7.78 -12.44 10.90
CA THR A 528 -6.33 -12.34 11.15
C THR A 528 -6.01 -12.31 12.65
N GLU A 529 -6.89 -11.71 13.47
CA GLU A 529 -6.70 -11.67 14.91
C GLU A 529 -7.01 -13.03 15.55
N LYS A 530 -8.11 -13.68 15.15
CA LYS A 530 -8.50 -14.95 15.72
C LYS A 530 -7.58 -16.09 15.26
N HIS A 531 -6.77 -15.85 14.22
CA HIS A 531 -5.93 -16.91 13.66
C HIS A 531 -4.56 -16.34 13.35
N SER A 532 -3.91 -15.80 14.39
CA SER A 532 -2.82 -14.87 14.19
C SER A 532 -1.50 -15.58 13.88
N HIS A 533 -1.49 -16.91 14.01
CA HIS A 533 -0.37 -17.73 13.59
C HIS A 533 -0.35 -17.90 12.06
N ILE A 534 -1.50 -17.69 11.39
CA ILE A 534 -1.53 -17.87 9.94
C ILE A 534 -0.94 -16.62 9.26
N LEU A 535 -0.07 -16.86 8.26
CA LEU A 535 0.43 -15.82 7.38
C LEU A 535 -0.57 -15.58 6.26
N PHE A 536 -1.19 -14.38 6.27
CA PHE A 536 -2.15 -13.99 5.24
C PHE A 536 -1.44 -13.15 4.19
N GLU A 537 -1.52 -13.59 2.92
CA GLU A 537 -1.00 -12.84 1.79
C GLU A 537 -2.17 -12.28 0.99
N SER A 538 -2.21 -10.94 0.82
CA SER A 538 -3.26 -10.29 0.05
C SER A 538 -2.95 -10.38 -1.44
N CYS A 539 -3.99 -10.24 -2.24
CA CYS A 539 -3.93 -10.45 -3.69
C CYS A 539 -5.17 -9.82 -4.31
N SER A 540 -5.03 -9.30 -5.53
CA SER A 540 -6.16 -8.80 -6.29
C SER A 540 -5.75 -8.81 -7.75
N GLY A 541 -5.85 -9.98 -8.39
CA GLY A 541 -5.21 -10.19 -9.69
C GLY A 541 -3.80 -9.62 -9.68
N GLY A 542 -3.01 -10.09 -8.70
CA GLY A 542 -1.74 -9.49 -8.34
C GLY A 542 -1.96 -8.23 -7.50
N GLY A 543 -1.46 -7.09 -8.00
CA GLY A 543 -1.33 -5.87 -7.21
C GLY A 543 -2.49 -4.89 -7.36
N GLY A 544 -3.72 -5.42 -7.48
CA GLY A 544 -4.90 -4.56 -7.68
C GLY A 544 -5.36 -3.83 -6.41
N ARG A 545 -4.77 -4.15 -5.24
CA ARG A 545 -5.21 -3.58 -3.97
C ARG A 545 -4.04 -3.60 -3.00
N ASN A 546 -2.88 -3.18 -3.50
CA ASN A 546 -1.66 -3.24 -2.73
C ASN A 546 -1.45 -1.88 -2.08
N ASP A 547 -2.11 -1.70 -0.91
CA ASP A 547 -2.08 -0.42 -0.22
C ASP A 547 -1.88 -0.66 1.27
N LEU A 548 -1.78 0.44 2.04
CA LEU A 548 -1.44 0.36 3.46
C LEU A 548 -2.66 0.02 4.30
N GLY A 549 -3.86 0.11 3.73
CA GLY A 549 -5.03 -0.43 4.40
C GLY A 549 -4.92 -1.96 4.52
N MET A 550 -4.53 -2.61 3.41
CA MET A 550 -4.47 -4.08 3.38
C MET A 550 -3.24 -4.56 4.16
N MET A 551 -2.15 -3.79 4.08
CA MET A 551 -0.89 -4.19 4.71
C MET A 551 -0.96 -4.12 6.23
N ARG A 552 -2.00 -3.47 6.78
CA ARG A 552 -2.29 -3.52 8.21
C ARG A 552 -2.63 -4.95 8.66
N TYR A 553 -3.13 -5.81 7.76
CA TYR A 553 -3.59 -7.13 8.19
C TYR A 553 -2.91 -8.28 7.47
N PHE A 554 -2.40 -7.97 6.26
CA PHE A 554 -1.79 -8.93 5.37
C PHE A 554 -0.32 -8.54 5.19
N PRO A 555 0.62 -9.20 5.89
CA PRO A 555 2.02 -8.75 5.85
C PRO A 555 2.81 -9.06 4.58
N GLN A 556 2.16 -9.66 3.58
CA GLN A 556 2.74 -9.74 2.25
C GLN A 556 1.60 -9.71 1.24
N VAL A 557 1.96 -9.46 -0.02
CA VAL A 557 1.03 -9.19 -1.10
C VAL A 557 1.58 -9.80 -2.38
N TRP A 558 0.68 -10.39 -3.19
CA TRP A 558 1.13 -10.86 -4.49
C TRP A 558 1.30 -9.66 -5.41
N ALA A 559 2.56 -9.22 -5.63
CA ALA A 559 2.81 -7.88 -6.19
C ALA A 559 2.26 -7.71 -7.60
N SER A 560 2.22 -8.83 -8.38
CA SER A 560 1.80 -8.79 -9.77
C SER A 560 1.60 -10.21 -10.30
N ASP A 561 0.55 -10.41 -11.12
CA ASP A 561 0.39 -11.63 -11.92
C ASP A 561 1.49 -11.75 -12.97
N ASN A 562 2.18 -10.64 -13.27
CA ASN A 562 3.27 -10.68 -14.23
C ASN A 562 4.49 -11.27 -13.50
N THR A 563 4.85 -12.51 -13.85
CA THR A 563 5.98 -13.19 -13.23
C THR A 563 7.19 -13.22 -14.16
N ASP A 564 7.13 -12.43 -15.25
CA ASP A 564 8.28 -12.30 -16.14
C ASP A 564 9.43 -11.60 -15.41
N ALA A 565 10.65 -12.17 -15.47
CA ALA A 565 11.77 -11.62 -14.73
C ALA A 565 12.03 -10.17 -15.13
N ILE A 566 11.89 -9.88 -16.43
CA ILE A 566 12.24 -8.58 -16.97
C ILE A 566 11.09 -7.59 -16.72
N ALA A 567 9.85 -8.02 -17.00
CA ALA A 567 8.69 -7.16 -16.73
C ALA A 567 8.56 -6.86 -15.24
N ARG A 568 9.07 -7.76 -14.39
CA ARG A 568 9.05 -7.60 -12.92
C ARG A 568 9.94 -6.44 -12.45
N LEU A 569 10.95 -6.05 -13.24
CA LEU A 569 11.89 -5.03 -12.78
C LEU A 569 11.20 -3.71 -12.43
N PRO A 570 10.44 -3.03 -13.34
CA PRO A 570 9.74 -1.80 -12.96
C PRO A 570 8.68 -2.04 -11.89
N ILE A 571 8.12 -3.26 -11.87
CA ILE A 571 7.05 -3.61 -10.94
C ILE A 571 7.59 -3.63 -9.50
N GLN A 572 8.78 -4.21 -9.32
CA GLN A 572 9.42 -4.33 -8.00
C GLN A 572 9.96 -2.97 -7.54
N TYR A 573 10.50 -2.20 -8.51
CA TYR A 573 10.88 -0.82 -8.30
C TYR A 573 9.73 -0.06 -7.62
N GLY A 574 8.54 -0.10 -8.22
CA GLY A 574 7.39 0.59 -7.64
C GLY A 574 6.84 -0.08 -6.38
N SER A 575 6.81 -1.42 -6.37
CA SER A 575 6.12 -2.14 -5.32
C SER A 575 6.87 -2.02 -3.99
N SER A 576 8.17 -1.73 -4.06
CA SER A 576 8.98 -1.60 -2.86
C SER A 576 9.37 -0.15 -2.62
N TYR A 577 8.76 0.80 -3.34
CA TYR A 577 9.19 2.20 -3.29
C TYR A 577 8.86 2.79 -1.92
N LEU A 578 7.67 2.48 -1.41
CA LEU A 578 7.22 3.03 -0.15
C LEU A 578 6.96 1.89 0.84
N TYR A 579 6.92 0.65 0.33
CA TYR A 579 6.56 -0.52 1.10
C TYR A 579 7.78 -1.43 1.26
N PRO A 580 7.96 -2.10 2.43
CA PRO A 580 9.19 -2.89 2.62
C PRO A 580 9.24 -4.09 1.68
N THR A 581 10.46 -4.51 1.31
CA THR A 581 10.71 -5.64 0.43
C THR A 581 10.06 -6.91 0.97
N ILE A 582 9.98 -7.05 2.29
CA ILE A 582 9.46 -8.29 2.89
C ILE A 582 8.01 -8.53 2.46
N SER A 583 7.30 -7.45 2.10
CA SER A 583 5.90 -7.55 1.71
C SER A 583 5.74 -8.15 0.31
N MET A 584 6.82 -8.19 -0.49
CA MET A 584 6.65 -8.14 -1.94
C MET A 584 6.82 -9.52 -2.58
N GLY A 585 5.72 -10.28 -2.67
CA GLY A 585 5.75 -11.62 -3.24
C GLY A 585 6.32 -11.63 -4.65
N ALA A 586 7.20 -12.58 -4.94
CA ALA A 586 7.86 -12.68 -6.23
C ALA A 586 8.20 -14.14 -6.50
N HIS A 587 7.77 -14.67 -7.66
CA HIS A 587 7.91 -16.10 -7.91
C HIS A 587 8.71 -16.38 -9.19
N VAL A 588 9.60 -17.35 -9.11
CA VAL A 588 10.24 -17.94 -10.27
C VAL A 588 9.17 -18.74 -11.01
N SER A 589 8.90 -18.39 -12.28
CA SER A 589 7.89 -19.05 -13.08
C SER A 589 8.48 -19.67 -14.35
N ALA A 590 7.63 -20.35 -15.13
CA ALA A 590 8.08 -21.09 -16.32
C ALA A 590 8.35 -20.14 -17.50
N VAL A 591 9.12 -20.66 -18.48
CA VAL A 591 9.39 -20.00 -19.75
C VAL A 591 8.90 -20.89 -20.90
N PRO A 592 8.46 -20.32 -22.06
CA PRO A 592 8.30 -18.88 -22.19
C PRO A 592 7.29 -18.34 -21.18
N ASN A 593 7.54 -17.13 -20.67
CA ASN A 593 6.67 -16.57 -19.66
C ASN A 593 5.23 -16.43 -20.16
N HIS A 594 4.25 -16.71 -19.29
CA HIS A 594 2.85 -16.82 -19.68
C HIS A 594 2.23 -15.46 -20.02
N GLN A 595 2.77 -14.36 -19.47
CA GLN A 595 2.21 -13.04 -19.73
C GLN A 595 2.94 -12.41 -20.92
N MET A 596 4.27 -12.56 -20.99
CA MET A 596 5.08 -11.76 -21.91
C MET A 596 5.44 -12.53 -23.19
N GLY A 597 5.31 -13.86 -23.17
CA GLY A 597 5.71 -14.71 -24.29
C GLY A 597 7.24 -14.74 -24.49
N ARG A 598 8.01 -14.66 -23.40
CA ARG A 598 9.44 -14.38 -23.40
C ARG A 598 10.24 -15.54 -22.77
N MET A 599 11.39 -15.91 -23.37
CA MET A 599 12.41 -16.74 -22.72
C MET A 599 13.35 -15.84 -21.91
N THR A 600 13.59 -16.18 -20.63
CA THR A 600 14.57 -15.49 -19.80
C THR A 600 15.41 -16.56 -19.12
N PRO A 601 16.71 -16.33 -18.83
CA PRO A 601 17.52 -17.33 -18.14
C PRO A 601 16.95 -17.62 -16.75
N LEU A 602 17.00 -18.90 -16.36
CA LEU A 602 16.53 -19.31 -15.05
C LEU A 602 17.33 -18.59 -13.97
N GLU A 603 18.62 -18.35 -14.23
CA GLU A 603 19.44 -17.59 -13.29
C GLU A 603 18.83 -16.20 -13.05
N THR A 604 18.32 -15.55 -14.10
CA THR A 604 17.80 -14.20 -13.99
C THR A 604 16.44 -14.21 -13.31
N ARG A 605 15.58 -15.17 -13.68
CA ARG A 605 14.33 -15.35 -12.95
C ARG A 605 14.60 -15.49 -11.45
N GLY A 606 15.61 -16.27 -11.08
CA GLY A 606 15.96 -16.42 -9.67
C GLY A 606 16.41 -15.11 -9.04
N LEU A 607 17.39 -14.43 -9.66
CA LEU A 607 17.90 -13.21 -9.06
C LEU A 607 16.83 -12.12 -8.95
N VAL A 608 15.94 -12.00 -9.95
CA VAL A 608 14.94 -10.95 -9.85
C VAL A 608 13.98 -11.26 -8.71
N ALA A 609 13.55 -12.52 -8.59
CA ALA A 609 12.59 -12.89 -7.56
C ALA A 609 13.24 -12.78 -6.16
N MET A 610 14.58 -12.94 -6.09
CA MET A 610 15.28 -12.85 -4.81
C MET A 610 15.51 -11.40 -4.39
N MET A 611 15.06 -10.43 -5.21
CA MET A 611 15.02 -9.04 -4.74
C MET A 611 13.70 -8.79 -4.02
N GLY A 612 12.87 -9.82 -3.99
CA GLY A 612 11.61 -9.79 -3.26
C GLY A 612 11.52 -10.96 -2.28
N ASN A 613 10.28 -11.32 -1.95
CA ASN A 613 9.90 -12.38 -1.03
C ASN A 613 9.72 -13.64 -1.87
N LEU A 614 10.72 -14.51 -1.86
CA LEU A 614 10.89 -15.54 -2.89
C LEU A 614 9.89 -16.67 -2.74
N GLY A 615 9.27 -17.01 -3.87
CA GLY A 615 8.58 -18.29 -4.03
C GLY A 615 8.71 -18.82 -5.45
N TYR A 616 8.02 -19.93 -5.73
CA TYR A 616 8.13 -20.65 -7.00
C TYR A 616 6.72 -20.95 -7.48
N GLU A 617 6.54 -20.84 -8.80
CA GLU A 617 5.24 -21.07 -9.38
C GLU A 617 5.41 -21.63 -10.79
N LEU A 618 5.73 -22.93 -10.86
CA LEU A 618 5.85 -23.65 -12.12
C LEU A 618 5.77 -25.14 -11.81
N ASP A 619 5.60 -25.97 -12.84
CA ASP A 619 5.40 -27.39 -12.59
C ASP A 619 6.74 -28.08 -12.38
N LEU A 620 7.18 -28.19 -11.13
CA LEU A 620 8.48 -28.78 -10.83
C LEU A 620 8.58 -30.22 -11.30
N THR A 621 7.42 -30.89 -11.50
CA THR A 621 7.46 -32.29 -11.91
C THR A 621 7.86 -32.44 -13.37
N ASN A 622 7.80 -31.36 -14.16
CA ASN A 622 8.17 -31.43 -15.57
C ASN A 622 9.52 -30.79 -15.85
N LEU A 623 10.31 -30.53 -14.81
CA LEU A 623 11.63 -29.95 -15.03
C LEU A 623 12.65 -31.07 -15.29
N SER A 624 13.71 -30.75 -16.05
CA SER A 624 14.89 -31.61 -16.14
C SER A 624 15.54 -31.78 -14.77
N ASP A 625 16.45 -32.76 -14.69
CA ASP A 625 17.25 -32.95 -13.48
C ASP A 625 18.10 -31.72 -13.19
N GLU A 626 18.61 -31.08 -14.25
CA GLU A 626 19.46 -29.90 -14.12
C GLU A 626 18.70 -28.71 -13.59
N GLU A 627 17.47 -28.53 -14.09
CA GLU A 627 16.65 -27.38 -13.73
C GLU A 627 16.26 -27.51 -12.26
N LYS A 628 15.93 -28.75 -11.83
CA LYS A 628 15.69 -29.08 -10.43
C LYS A 628 16.90 -28.71 -9.57
N ALA A 629 18.10 -29.14 -10.00
CA ALA A 629 19.33 -28.83 -9.27
C ALA A 629 19.52 -27.31 -9.17
N THR A 630 19.30 -26.59 -10.28
CA THR A 630 19.45 -25.14 -10.26
C THR A 630 18.53 -24.53 -9.19
N ILE A 631 17.28 -25.01 -9.16
CA ILE A 631 16.31 -24.48 -8.24
C ILE A 631 16.76 -24.77 -6.80
N ALA A 632 17.23 -26.00 -6.54
CA ALA A 632 17.75 -26.38 -5.23
C ALA A 632 18.89 -25.46 -4.81
N ASN A 633 19.74 -25.08 -5.78
CA ASN A 633 20.81 -24.13 -5.51
C ASN A 633 20.25 -22.73 -5.23
N GLN A 634 19.22 -22.32 -5.97
CA GLN A 634 18.62 -21.01 -5.74
C GLN A 634 18.04 -20.96 -4.33
N VAL A 635 17.43 -22.07 -3.89
CA VAL A 635 16.76 -22.11 -2.59
C VAL A 635 17.81 -22.02 -1.48
N ASN A 636 18.92 -22.76 -1.63
CA ASN A 636 20.01 -22.71 -0.67
C ASN A 636 20.58 -21.29 -0.62
N LEU A 637 20.74 -20.66 -1.78
CA LEU A 637 21.28 -19.30 -1.80
C LEU A 637 20.35 -18.36 -1.00
N TYR A 638 19.04 -18.42 -1.28
CA TYR A 638 18.11 -17.47 -0.69
C TYR A 638 17.93 -17.70 0.80
N LYS A 639 17.98 -18.96 1.27
CA LYS A 639 17.96 -19.23 2.70
C LYS A 639 19.01 -18.37 3.43
N GLU A 640 20.15 -18.16 2.75
CA GLU A 640 21.23 -17.33 3.23
C GLU A 640 20.95 -15.84 3.01
N LEU A 641 20.44 -15.45 1.83
CA LEU A 641 20.20 -14.05 1.53
C LEU A 641 18.94 -13.51 2.23
N ARG A 642 18.02 -14.42 2.63
CA ARG A 642 16.68 -14.02 3.04
C ARG A 642 16.74 -12.94 4.12
N PRO A 643 17.56 -13.08 5.19
CA PRO A 643 17.60 -12.03 6.22
C PRO A 643 18.09 -10.71 5.63
N VAL A 644 19.05 -10.76 4.71
CA VAL A 644 19.61 -9.54 4.15
C VAL A 644 18.51 -8.85 3.35
N VAL A 645 17.79 -9.65 2.55
CA VAL A 645 16.78 -9.09 1.68
C VAL A 645 15.57 -8.64 2.49
N GLN A 646 15.10 -9.49 3.40
CA GLN A 646 13.82 -9.22 4.04
C GLN A 646 13.97 -8.31 5.26
N LEU A 647 15.15 -8.31 5.89
CA LEU A 647 15.30 -7.61 7.16
C LEU A 647 16.26 -6.44 7.00
N GLY A 648 17.00 -6.40 5.88
CA GLY A 648 18.06 -5.41 5.68
C GLY A 648 17.55 -4.09 5.10
N GLN A 649 18.48 -3.21 4.74
CA GLN A 649 18.21 -1.89 4.19
C GLN A 649 18.44 -1.93 2.67
N GLN A 650 17.45 -1.45 1.92
CA GLN A 650 17.44 -1.50 0.47
C GLN A 650 17.98 -0.18 -0.08
N TYR A 651 18.92 -0.29 -1.04
CA TYR A 651 19.41 0.85 -1.80
C TYR A 651 19.31 0.57 -3.29
N ARG A 652 18.51 1.39 -3.98
CA ARG A 652 18.40 1.39 -5.43
C ARG A 652 19.67 2.01 -6.00
N LEU A 653 20.29 1.34 -6.98
CA LEU A 653 21.54 1.82 -7.54
C LEU A 653 21.34 2.22 -9.00
N ILE A 654 20.63 1.40 -9.77
CA ILE A 654 20.21 1.83 -11.10
C ILE A 654 18.74 1.50 -11.22
N ASN A 655 17.92 2.49 -11.65
CA ASN A 655 16.47 2.32 -11.65
C ASN A 655 15.98 1.78 -12.99
N PRO A 656 15.10 0.75 -13.00
CA PRO A 656 14.48 0.29 -14.24
C PRO A 656 13.32 1.20 -14.63
N ASP A 657 13.63 2.29 -15.30
CA ASP A 657 12.54 3.13 -15.74
C ASP A 657 12.32 2.90 -17.22
N THR A 658 11.48 3.74 -17.82
CA THR A 658 11.00 3.54 -19.18
C THR A 658 12.14 3.56 -20.19
N VAL A 659 13.29 4.18 -19.87
CA VAL A 659 14.39 4.37 -20.82
C VAL A 659 15.65 3.57 -20.43
N SER A 660 15.74 3.11 -19.18
CA SER A 660 16.98 2.49 -18.73
C SER A 660 17.09 1.08 -19.31
N ASN A 661 18.31 0.65 -19.60
CA ASN A 661 18.52 -0.72 -20.08
C ASN A 661 18.95 -1.64 -18.94
N GLU A 662 18.89 -1.12 -17.71
CA GLU A 662 19.54 -1.78 -16.58
C GLU A 662 18.69 -1.67 -15.31
N ALA A 663 18.93 -2.59 -14.38
CA ALA A 663 18.43 -2.47 -13.01
C ALA A 663 19.50 -2.90 -12.02
N ALA A 664 19.64 -2.20 -10.88
CA ALA A 664 20.53 -2.70 -9.85
C ALA A 664 20.04 -2.23 -8.49
N VAL A 665 20.03 -3.17 -7.53
CA VAL A 665 19.52 -2.96 -6.18
C VAL A 665 20.46 -3.62 -5.17
N GLN A 666 20.79 -2.88 -4.10
CA GLN A 666 21.73 -3.31 -3.08
C GLN A 666 20.96 -3.53 -1.77
N PHE A 667 21.38 -4.52 -0.97
CA PHE A 667 20.83 -4.62 0.38
C PHE A 667 21.99 -4.73 1.36
N ASN A 668 21.92 -3.97 2.47
CA ASN A 668 22.86 -4.07 3.59
C ASN A 668 22.16 -4.65 4.82
N TYR A 669 22.86 -5.55 5.52
CA TYR A 669 22.35 -6.10 6.77
C TYR A 669 23.52 -6.55 7.63
N GLY A 670 23.86 -5.74 8.64
CA GLY A 670 25.03 -6.02 9.45
C GLY A 670 26.28 -6.14 8.58
N ASN A 671 26.97 -7.28 8.72
N ASN A 671 26.99 -7.26 8.71
CA ASN A 671 28.21 -7.56 8.01
CA ASN A 671 28.23 -7.47 7.98
C ASN A 671 27.93 -8.13 6.62
C ASN A 671 27.96 -8.00 6.56
N GLN A 672 26.69 -8.02 6.13
CA GLN A 672 26.37 -8.56 4.82
C GLN A 672 25.91 -7.43 3.89
N THR A 673 26.49 -7.41 2.67
CA THR A 673 26.09 -6.54 1.56
C THR A 673 25.99 -7.37 0.29
N ILE A 674 24.84 -7.26 -0.38
CA ILE A 674 24.64 -7.94 -1.65
C ILE A 674 24.19 -6.89 -2.67
N VAL A 675 24.50 -7.14 -3.96
CA VAL A 675 24.10 -6.27 -5.04
C VAL A 675 23.64 -7.14 -6.19
N THR A 676 22.43 -6.88 -6.71
CA THR A 676 21.96 -7.59 -7.90
C THR A 676 21.94 -6.62 -9.08
N TYR A 677 22.41 -7.10 -10.24
CA TYR A 677 22.51 -6.34 -11.47
C TYR A 677 21.82 -7.13 -12.58
N VAL A 678 20.94 -6.44 -13.34
CA VAL A 678 20.29 -7.03 -14.51
C VAL A 678 20.46 -6.08 -15.68
N ARG A 679 20.72 -6.65 -16.87
CA ARG A 679 20.72 -5.89 -18.12
C ARG A 679 19.60 -6.43 -19.00
N VAL A 680 18.74 -5.54 -19.51
CA VAL A 680 17.66 -6.00 -20.37
C VAL A 680 18.19 -6.36 -21.77
N LEU A 681 18.57 -5.39 -22.60
CA LEU A 681 19.01 -5.78 -23.94
C LEU A 681 20.53 -5.88 -24.01
N SER A 682 21.01 -6.94 -24.67
CA SER A 682 22.39 -7.09 -25.13
C SER A 682 22.87 -5.79 -25.78
N VAL A 683 24.12 -5.40 -25.51
CA VAL A 683 24.77 -4.26 -26.13
C VAL A 683 26.09 -4.71 -26.73
N VAL A 684 26.64 -3.90 -27.64
CA VAL A 684 27.92 -4.15 -28.26
C VAL A 684 28.67 -2.82 -28.37
N GLU A 685 30.02 -2.91 -28.36
CA GLU A 685 30.92 -1.76 -28.45
C GLU A 685 30.44 -0.60 -27.58
N THR A 686 30.16 -0.94 -26.30
CA THR A 686 29.66 -0.02 -25.29
C THR A 686 30.49 -0.24 -24.03
N MET A 687 31.17 0.78 -23.50
CA MET A 687 31.96 0.55 -22.28
C MET A 687 31.07 0.01 -21.16
N GLU A 688 31.62 -0.91 -20.36
CA GLU A 688 31.00 -1.48 -19.17
C GLU A 688 30.53 -0.40 -18.20
N THR A 689 29.37 -0.63 -17.58
CA THR A 689 28.82 0.24 -16.54
C THR A 689 29.76 0.17 -15.32
N THR A 690 29.89 1.31 -14.64
CA THR A 690 30.55 1.40 -13.34
C THR A 690 29.48 1.55 -12.28
N LEU A 691 29.40 0.58 -11.36
CA LEU A 691 28.33 0.49 -10.37
C LEU A 691 28.89 0.75 -8.98
N LYS A 692 28.49 1.89 -8.37
CA LYS A 692 28.99 2.25 -7.04
C LYS A 692 27.97 1.83 -5.98
N LEU A 693 28.47 1.23 -4.89
CA LEU A 693 27.65 0.84 -3.75
C LEU A 693 27.43 2.04 -2.84
N LYS A 694 26.45 1.95 -1.93
CA LYS A 694 26.09 3.05 -1.05
C LYS A 694 26.15 2.59 0.41
N ASP A 695 26.32 3.58 1.29
CA ASP A 695 26.10 3.39 2.71
C ASP A 695 27.00 2.29 3.28
N LEU A 696 28.29 2.33 2.94
CA LEU A 696 29.27 1.43 3.52
C LEU A 696 30.17 2.25 4.45
N ASP A 697 30.95 1.55 5.27
CA ASP A 697 32.01 2.13 6.07
C ASP A 697 33.20 2.38 5.14
N GLU A 698 33.61 3.66 5.01
CA GLU A 698 34.73 4.02 4.14
C GLU A 698 35.94 3.16 4.48
N GLU A 699 36.18 2.94 5.78
CA GLU A 699 37.36 2.23 6.27
C GLU A 699 37.08 0.74 6.40
N GLY A 700 35.81 0.34 6.23
CA GLY A 700 35.44 -1.07 6.31
C GLY A 700 36.17 -1.86 5.23
N LEU A 701 36.46 -3.13 5.51
CA LEU A 701 37.03 -4.04 4.51
C LEU A 701 35.97 -5.04 4.07
N TYR A 702 35.71 -5.07 2.75
CA TYR A 702 34.62 -5.85 2.18
C TYR A 702 35.16 -6.91 1.23
N LYS A 703 34.92 -8.18 1.62
CA LYS A 703 35.43 -9.32 0.90
C LYS A 703 34.34 -9.84 -0.03
N LEU A 704 34.64 -9.80 -1.33
CA LEU A 704 33.77 -10.24 -2.40
C LEU A 704 33.91 -11.75 -2.56
N GLN A 705 32.78 -12.45 -2.43
CA GLN A 705 32.75 -13.90 -2.38
C GLN A 705 33.33 -14.53 -3.66
N GLU A 706 33.03 -13.96 -4.82
CA GLU A 706 33.32 -14.69 -6.05
C GLU A 706 34.83 -14.73 -6.32
N ASN A 707 35.58 -13.67 -5.97
CA ASN A 707 37.00 -13.61 -6.31
C ASN A 707 37.88 -13.56 -5.06
N GLY A 708 37.26 -13.52 -3.87
CA GLY A 708 37.99 -13.44 -2.61
C GLY A 708 38.72 -12.12 -2.38
N GLU A 709 38.59 -11.14 -3.29
CA GLU A 709 39.26 -9.87 -3.13
C GLU A 709 38.61 -9.04 -2.03
N VAL A 710 39.43 -8.28 -1.30
CA VAL A 710 38.99 -7.44 -0.20
C VAL A 710 39.11 -5.98 -0.62
N TYR A 711 37.99 -5.24 -0.59
CA TYR A 711 37.93 -3.85 -0.99
C TYR A 711 37.50 -2.98 0.19
N SER A 712 38.12 -1.80 0.29
CA SER A 712 37.61 -0.85 1.26
C SER A 712 36.23 -0.38 0.82
N GLY A 713 35.40 0.02 1.77
CA GLY A 713 34.11 0.63 1.47
C GLY A 713 34.27 1.85 0.57
N ALA A 714 35.33 2.63 0.81
CA ALA A 714 35.61 3.81 0.00
C ALA A 714 35.75 3.40 -1.47
N GLU A 715 36.47 2.29 -1.72
CA GLU A 715 36.69 1.87 -3.10
C GLU A 715 35.35 1.52 -3.77
N LEU A 716 34.50 0.81 -3.03
CA LEU A 716 33.25 0.27 -3.57
C LEU A 716 32.26 1.41 -3.78
N MET A 717 32.35 2.44 -2.93
CA MET A 717 31.42 3.56 -3.00
C MET A 717 31.93 4.62 -3.97
N TYR A 718 33.26 4.82 -4.08
CA TYR A 718 33.73 6.00 -4.80
C TYR A 718 34.35 5.66 -6.15
N ALA A 719 34.85 4.41 -6.27
CA ALA A 719 35.34 3.91 -7.54
C ALA A 719 34.27 3.02 -8.17
N GLY A 720 33.79 2.01 -7.43
CA GLY A 720 32.69 1.18 -7.91
C GLY A 720 33.18 -0.02 -8.71
N LEU A 721 32.22 -0.88 -9.08
CA LEU A 721 32.50 -2.12 -9.78
C LEU A 721 32.31 -1.90 -11.28
N THR A 722 33.32 -2.30 -12.07
CA THR A 722 33.13 -2.54 -13.50
C THR A 722 32.30 -3.79 -13.68
N VAL A 723 31.11 -3.60 -14.28
CA VAL A 723 30.15 -4.69 -14.42
C VAL A 723 30.38 -5.35 -15.77
N ILE A 724 30.72 -6.65 -15.73
CA ILE A 724 31.02 -7.41 -16.92
C ILE A 724 29.90 -8.41 -17.20
N LEU A 725 29.44 -8.46 -18.47
CA LEU A 725 28.53 -9.49 -18.90
C LEU A 725 28.96 -10.06 -20.26
N SER A 726 28.62 -11.33 -20.51
CA SER A 726 28.65 -11.90 -21.85
C SER A 726 27.65 -11.18 -22.78
N GLN A 727 27.64 -11.60 -24.06
CA GLN A 727 26.65 -11.14 -25.04
C GLN A 727 25.31 -11.83 -24.79
N GLY A 728 24.20 -11.08 -24.81
CA GLY A 728 22.88 -11.69 -24.69
C GLY A 728 21.90 -10.82 -23.88
N ASP A 729 20.61 -11.12 -24.06
CA ASP A 729 19.52 -10.40 -23.41
C ASP A 729 19.24 -10.98 -22.02
N PHE A 730 18.75 -10.11 -21.13
CA PHE A 730 18.20 -10.51 -19.85
C PHE A 730 19.24 -11.23 -18.99
N LEU A 731 20.52 -10.87 -19.15
CA LEU A 731 21.53 -11.46 -18.29
C LEU A 731 21.55 -10.71 -16.97
N SER A 732 22.02 -11.39 -15.92
CA SER A 732 22.06 -10.82 -14.59
C SER A 732 23.32 -11.28 -13.86
N ARG A 733 23.70 -10.58 -12.79
CA ARG A 733 24.68 -11.15 -11.87
C ARG A 733 24.51 -10.59 -10.46
N GLN A 734 25.11 -11.30 -9.50
CA GLN A 734 25.00 -10.91 -8.10
C GLN A 734 26.40 -10.79 -7.52
N TYR A 735 26.63 -9.70 -6.77
CA TYR A 735 27.86 -9.53 -6.01
C TYR A 735 27.52 -9.70 -4.53
N ILE A 736 28.30 -10.54 -3.82
CA ILE A 736 28.08 -10.79 -2.39
C ILE A 736 29.35 -10.47 -1.64
N PHE A 737 29.22 -9.61 -0.62
CA PHE A 737 30.32 -9.10 0.17
C PHE A 737 30.08 -9.45 1.64
N ARG A 738 31.16 -9.81 2.35
CA ARG A 738 31.12 -9.85 3.80
C ARG A 738 32.13 -8.83 4.33
N LYS A 739 31.68 -7.99 5.27
CA LYS A 739 32.55 -7.05 5.96
C LYS A 739 33.37 -7.79 7.03
N LEU A 740 34.70 -7.61 7.06
CA LEU A 740 35.55 -8.47 7.89
C LEU A 740 35.59 -7.96 9.34
#